data_4BNW
#
_entry.id   4BNW
#
_cell.length_a   53.950
_cell.length_b   107.980
_cell.length_c   146.130
_cell.angle_alpha   90.00
_cell.angle_beta   90.00
_cell.angle_gamma   90.00
#
_symmetry.space_group_name_H-M   'P 21 21 21'
#
loop_
_entity.id
_entity.type
_entity.pdbx_description
1 polymer '3-OXOACYL-[ACYL-CARRIER-PROTEIN] REDUCTASE FABG'
2 non-polymer DI(HYDROXYETHYL)ETHER
3 non-polymer 'TETRAETHYLENE GLYCOL'
4 non-polymer 'TRIETHYLENE GLYCOL'
5 water water
#
_entity_poly.entity_id   1
_entity_poly.type   'polypeptide(L)'
_entity_poly.pdbx_seq_one_letter_code
;MHHHHHHSSGVDLGTENLYFQSMSLQGKVALVTGASRGIGQAIALELGRLGAVVIGTATSASGAEKIAETLKANGVEGAG
LVLDVSSDESVAATLEHIQQHLGQPLIVVNNAGITRDNLLVRMKDDEWFDVVNTNLNSLYRLSKAVLRGMTKARWGRIIN
IGSVVGAMGNAGQTNYAAAKAGLEGFTRALAREVGSRAITVNAVAPGFIDTDMTRELPEAQREALLGQIPLGRLGQAEEI
AKVVGFLASDGAAYVTGATVPVNGGMYMS
;
_entity_poly.pdbx_strand_id   A,B,C,D
#
loop_
_chem_comp.id
_chem_comp.type
_chem_comp.name
_chem_comp.formula
PEG non-polymer DI(HYDROXYETHYL)ETHER 'C4 H10 O3'
PG4 non-polymer 'TETRAETHYLENE GLYCOL' 'C8 H18 O5'
PGE non-polymer 'TRIETHYLENE GLYCOL' 'C6 H14 O4'
#
# COMPACT_ATOMS: atom_id res chain seq x y z
N GLN A 21 -30.60 2.18 -20.14
CA GLN A 21 -30.08 3.11 -19.10
C GLN A 21 -28.62 3.52 -19.40
N SER A 22 -28.02 4.25 -18.47
CA SER A 22 -26.59 4.60 -18.50
C SER A 22 -25.68 3.39 -18.15
N MET A 23 -26.24 2.35 -17.56
CA MET A 23 -25.49 1.10 -17.30
C MET A 23 -25.54 0.18 -18.53
N SER A 24 -26.11 0.63 -19.63
CA SER A 24 -26.36 -0.30 -20.74
C SER A 24 -25.09 -0.70 -21.47
N LEU A 25 -24.98 -1.98 -21.79
CA LEU A 25 -23.97 -2.46 -22.66
C LEU A 25 -24.54 -2.96 -23.98
N GLN A 26 -25.72 -2.45 -24.33
CA GLN A 26 -26.32 -2.81 -25.62
C GLN A 26 -25.41 -2.44 -26.82
N GLY A 27 -25.22 -3.41 -27.70
CA GLY A 27 -24.38 -3.29 -28.86
C GLY A 27 -22.96 -3.71 -28.64
N LYS A 28 -22.62 -4.07 -27.38
CA LYS A 28 -21.26 -4.48 -27.07
CA LYS A 28 -21.26 -4.49 -27.10
C LYS A 28 -21.17 -6.01 -26.99
N VAL A 29 -20.03 -6.55 -27.41
CA VAL A 29 -19.72 -7.96 -27.27
C VAL A 29 -18.76 -8.10 -26.10
N ALA A 30 -19.02 -9.04 -25.25
CA ALA A 30 -18.18 -9.29 -24.07
C ALA A 30 -17.67 -10.69 -24.11
N LEU A 31 -16.41 -10.89 -23.76
CA LEU A 31 -15.85 -12.19 -23.62
C LEU A 31 -15.51 -12.42 -22.15
N VAL A 32 -16.03 -13.48 -21.57
CA VAL A 32 -15.79 -13.77 -20.13
C VAL A 32 -15.18 -15.15 -20.06
N THR A 33 -13.94 -15.21 -19.63
CA THR A 33 -13.29 -16.52 -19.51
C THR A 33 -13.67 -17.25 -18.25
N GLY A 34 -13.74 -18.60 -18.35
CA GLY A 34 -14.08 -19.31 -17.15
C GLY A 34 -15.48 -19.12 -16.72
N ALA A 35 -16.45 -19.12 -17.65
CA ALA A 35 -17.82 -18.74 -17.37
C ALA A 35 -18.81 -19.88 -17.03
N SER A 36 -18.31 -21.10 -16.88
CA SER A 36 -19.30 -22.22 -16.73
C SER A 36 -19.79 -22.41 -15.26
N ARG A 37 -19.21 -21.66 -14.34
CA ARG A 37 -19.57 -21.79 -12.94
C ARG A 37 -19.16 -20.54 -12.16
N GLY A 38 -19.68 -20.44 -10.94
CA GLY A 38 -19.15 -19.50 -9.95
C GLY A 38 -19.14 -18.07 -10.43
N ILE A 39 -18.08 -17.36 -10.11
CA ILE A 39 -17.94 -15.99 -10.38
C ILE A 39 -18.01 -15.70 -11.88
N GLY A 40 -17.33 -16.51 -12.68
CA GLY A 40 -17.37 -16.26 -14.09
C GLY A 40 -18.78 -16.38 -14.67
N GLN A 41 -19.55 -17.39 -14.20
CA GLN A 41 -20.94 -17.52 -14.66
C GLN A 41 -21.73 -16.24 -14.27
N ALA A 42 -21.59 -15.83 -13.02
CA ALA A 42 -22.31 -14.68 -12.55
C ALA A 42 -21.97 -13.43 -13.34
N ILE A 43 -20.68 -13.26 -13.72
CA ILE A 43 -20.24 -12.15 -14.53
C ILE A 43 -20.93 -12.18 -15.87
N ALA A 44 -20.90 -13.37 -16.49
CA ALA A 44 -21.53 -13.52 -17.81
C ALA A 44 -23.01 -13.14 -17.73
N LEU A 45 -23.69 -13.59 -16.71
CA LEU A 45 -25.14 -13.27 -16.62
C LEU A 45 -25.37 -11.79 -16.35
N GLU A 46 -24.52 -11.16 -15.55
CA GLU A 46 -24.66 -9.72 -15.27
C GLU A 46 -24.39 -8.88 -16.53
N LEU A 47 -23.34 -9.17 -17.30
CA LEU A 47 -23.10 -8.45 -18.49
C LEU A 47 -24.30 -8.62 -19.50
N GLY A 48 -24.81 -9.80 -19.50
CA GLY A 48 -26.02 -10.09 -20.30
C GLY A 48 -27.20 -9.32 -19.86
N ARG A 49 -27.38 -9.18 -18.57
CA ARG A 49 -28.51 -8.40 -18.00
C ARG A 49 -28.42 -7.00 -18.49
N LEU A 50 -27.20 -6.47 -18.61
CA LEU A 50 -26.95 -5.09 -19.01
C LEU A 50 -27.05 -4.89 -20.54
N GLY A 51 -27.25 -5.99 -21.27
CA GLY A 51 -27.50 -5.96 -22.70
C GLY A 51 -26.37 -6.35 -23.59
N ALA A 52 -25.23 -6.80 -23.02
CA ALA A 52 -24.18 -7.26 -23.89
C ALA A 52 -24.51 -8.61 -24.52
N VAL A 53 -23.89 -8.83 -25.66
CA VAL A 53 -23.80 -10.17 -26.22
C VAL A 53 -22.59 -10.81 -25.54
N VAL A 54 -22.79 -11.96 -24.95
CA VAL A 54 -21.74 -12.56 -24.13
C VAL A 54 -21.22 -13.82 -24.75
N ILE A 55 -19.88 -13.88 -24.90
CA ILE A 55 -19.20 -15.11 -25.22
C ILE A 55 -18.53 -15.61 -23.92
N GLY A 56 -18.99 -16.72 -23.36
CA GLY A 56 -18.36 -17.33 -22.20
C GLY A 56 -17.54 -18.51 -22.53
N THR A 57 -16.39 -18.69 -21.86
CA THR A 57 -15.48 -19.76 -22.24
C THR A 57 -15.32 -20.82 -21.11
N ALA A 58 -14.99 -22.04 -21.55
CA ALA A 58 -14.65 -23.17 -20.70
C ALA A 58 -13.46 -23.91 -21.37
N THR A 59 -12.83 -24.80 -20.61
CA THR A 59 -11.69 -25.54 -21.18
C THR A 59 -12.15 -26.79 -21.91
N SER A 60 -13.44 -27.14 -21.84
CA SER A 60 -14.00 -28.32 -22.52
C SER A 60 -15.26 -28.01 -23.31
N ALA A 61 -15.56 -28.85 -24.30
CA ALA A 61 -16.72 -28.66 -25.15
C ALA A 61 -18.01 -28.79 -24.38
N SER A 62 -18.01 -29.71 -23.40
CA SER A 62 -19.18 -29.88 -22.57
C SER A 62 -19.44 -28.60 -21.73
N GLY A 63 -18.36 -28.03 -21.22
CA GLY A 63 -18.45 -26.69 -20.51
C GLY A 63 -18.96 -25.57 -21.38
N ALA A 64 -18.47 -25.50 -22.61
CA ALA A 64 -18.94 -24.52 -23.56
C ALA A 64 -20.41 -24.68 -23.88
N GLU A 65 -20.87 -25.92 -24.12
CA GLU A 65 -22.26 -26.16 -24.32
C GLU A 65 -23.11 -25.77 -23.10
N LYS A 66 -22.64 -26.11 -21.89
CA LYS A 66 -23.32 -25.72 -20.69
C LYS A 66 -23.50 -24.22 -20.55
N ILE A 67 -22.47 -23.49 -20.87
CA ILE A 67 -22.55 -22.02 -20.92
C ILE A 67 -23.65 -21.56 -21.87
N ALA A 68 -23.67 -22.14 -23.05
CA ALA A 68 -24.71 -21.73 -24.01
C ALA A 68 -26.08 -21.96 -23.40
N GLU A 69 -26.28 -23.10 -22.78
CA GLU A 69 -27.57 -23.43 -22.15
C GLU A 69 -27.93 -22.46 -21.02
N THR A 70 -26.90 -22.05 -20.25
CA THR A 70 -27.11 -21.09 -19.17
C THR A 70 -27.51 -19.71 -19.71
N LEU A 71 -26.86 -19.29 -20.79
CA LEU A 71 -27.16 -18.03 -21.34
C LEU A 71 -28.63 -18.06 -21.87
N LYS A 72 -28.96 -19.14 -22.56
CA LYS A 72 -30.37 -19.29 -23.06
C LYS A 72 -31.42 -19.21 -21.98
N ALA A 73 -31.17 -19.90 -20.90
CA ALA A 73 -32.05 -19.93 -19.74
C ALA A 73 -32.22 -18.60 -19.07
N ASN A 74 -31.36 -17.63 -19.40
CA ASN A 74 -31.41 -16.32 -18.82
C ASN A 74 -31.64 -15.21 -19.78
N GLY A 75 -32.01 -15.60 -21.01
CA GLY A 75 -32.30 -14.64 -22.05
C GLY A 75 -31.14 -13.79 -22.53
N VAL A 76 -29.91 -14.32 -22.38
CA VAL A 76 -28.74 -13.61 -22.84
C VAL A 76 -28.28 -14.09 -24.19
N GLU A 77 -28.12 -13.19 -25.14
CA GLU A 77 -27.61 -13.53 -26.45
C GLU A 77 -26.12 -13.78 -26.31
N GLY A 78 -25.62 -14.79 -27.01
CA GLY A 78 -24.19 -15.08 -27.08
C GLY A 78 -23.92 -16.54 -27.25
N ALA A 79 -22.78 -17.00 -26.77
CA ALA A 79 -22.32 -18.35 -27.07
C ALA A 79 -21.38 -18.86 -25.99
N GLY A 80 -21.19 -20.17 -25.93
CA GLY A 80 -20.10 -20.78 -25.20
C GLY A 80 -19.04 -21.21 -26.17
N LEU A 81 -17.77 -21.11 -25.78
CA LEU A 81 -16.62 -21.51 -26.61
CA LEU A 81 -16.72 -21.75 -26.60
C LEU A 81 -15.55 -22.19 -25.74
N VAL A 82 -14.74 -23.05 -26.34
CA VAL A 82 -13.62 -23.61 -25.70
C VAL A 82 -12.39 -22.75 -25.86
N LEU A 83 -11.76 -22.38 -24.76
CA LEU A 83 -10.57 -21.52 -24.80
C LEU A 83 -9.63 -22.03 -23.73
N ASP A 84 -8.37 -22.22 -24.12
CA ASP A 84 -7.28 -22.48 -23.18
C ASP A 84 -6.35 -21.25 -23.13
N VAL A 85 -6.46 -20.47 -22.06
CA VAL A 85 -5.80 -19.16 -22.04
C VAL A 85 -4.31 -19.35 -21.84
N SER A 86 -3.89 -20.60 -21.59
CA SER A 86 -2.43 -20.92 -21.53
C SER A 86 -1.81 -21.08 -22.90
N SER A 87 -2.62 -21.09 -23.96
CA SER A 87 -2.16 -21.44 -25.30
C SER A 87 -2.27 -20.30 -26.26
N ASP A 88 -1.15 -19.88 -26.83
CA ASP A 88 -1.22 -18.90 -27.91
C ASP A 88 -2.15 -19.27 -29.08
N GLU A 89 -2.10 -20.53 -29.50
CA GLU A 89 -2.88 -21.02 -30.61
C GLU A 89 -4.36 -21.00 -30.28
N SER A 90 -4.69 -21.41 -29.05
CA SER A 90 -6.10 -21.40 -28.63
C SER A 90 -6.65 -19.98 -28.65
N VAL A 91 -5.86 -19.06 -28.08
CA VAL A 91 -6.29 -17.68 -28.03
C VAL A 91 -6.52 -17.09 -29.40
N ALA A 92 -5.57 -17.30 -30.30
CA ALA A 92 -5.68 -16.69 -31.65
C ALA A 92 -6.85 -17.26 -32.41
N ALA A 93 -7.03 -18.59 -32.32
CA ALA A 93 -8.12 -19.26 -33.03
C ALA A 93 -9.46 -18.82 -32.51
N THR A 94 -9.57 -18.72 -31.19
CA THR A 94 -10.83 -18.35 -30.58
C THR A 94 -11.21 -16.94 -30.97
N LEU A 95 -10.25 -16.04 -30.90
CA LEU A 95 -10.56 -14.64 -31.21
CA LEU A 95 -10.55 -14.65 -31.21
C LEU A 95 -10.98 -14.49 -32.68
N GLU A 96 -10.33 -15.22 -33.59
CA GLU A 96 -10.73 -15.21 -35.04
C GLU A 96 -12.16 -15.71 -35.22
N HIS A 97 -12.50 -16.81 -34.55
CA HIS A 97 -13.86 -17.34 -34.53
C HIS A 97 -14.87 -16.28 -34.12
N ILE A 98 -14.59 -15.61 -32.99
CA ILE A 98 -15.51 -14.65 -32.46
C ILE A 98 -15.68 -13.51 -33.47
N GLN A 99 -14.57 -13.05 -34.01
CA GLN A 99 -14.59 -11.90 -34.90
C GLN A 99 -15.44 -12.23 -36.13
N GLN A 100 -15.37 -13.46 -36.62
CA GLN A 100 -16.10 -13.85 -37.83
C GLN A 100 -17.59 -14.03 -37.59
N HIS A 101 -17.97 -14.58 -36.45
CA HIS A 101 -19.36 -14.93 -36.22
C HIS A 101 -20.15 -13.92 -35.35
N LEU A 102 -19.48 -13.20 -34.45
CA LEU A 102 -20.20 -12.38 -33.45
C LEU A 102 -19.80 -10.91 -33.47
N GLY A 103 -18.51 -10.63 -33.66
CA GLY A 103 -18.01 -9.26 -33.66
C GLY A 103 -16.76 -9.18 -32.77
N GLN A 104 -16.19 -8.00 -32.68
CA GLN A 104 -14.98 -7.76 -31.90
C GLN A 104 -15.30 -7.58 -30.41
N PRO A 105 -14.70 -8.39 -29.51
CA PRO A 105 -15.05 -8.21 -28.08
C PRO A 105 -14.42 -6.95 -27.54
N LEU A 106 -15.25 -6.05 -27.03
CA LEU A 106 -14.74 -4.78 -26.57
C LEU A 106 -14.76 -4.75 -25.03
N ILE A 107 -15.35 -5.75 -24.43
CA ILE A 107 -15.36 -5.97 -22.98
C ILE A 107 -14.78 -7.37 -22.74
N VAL A 108 -13.65 -7.49 -22.02
CA VAL A 108 -13.03 -8.76 -21.81
C VAL A 108 -12.72 -8.95 -20.32
N VAL A 109 -13.26 -10.01 -19.76
CA VAL A 109 -13.12 -10.30 -18.35
C VAL A 109 -12.32 -11.53 -18.19
N ASN A 110 -11.15 -11.38 -17.57
CA ASN A 110 -10.15 -12.47 -17.44
C ASN A 110 -10.43 -13.06 -16.06
N ASN A 111 -11.13 -14.17 -16.07
CA ASN A 111 -11.52 -14.90 -14.85
C ASN A 111 -10.97 -16.29 -14.72
N ALA A 112 -10.76 -16.97 -15.84
CA ALA A 112 -10.14 -18.32 -15.89
C ALA A 112 -8.72 -18.25 -15.26
N GLY A 113 -8.40 -19.17 -14.38
CA GLY A 113 -7.02 -19.32 -13.86
C GLY A 113 -6.58 -20.69 -14.33
N ILE A 114 -5.28 -20.98 -14.32
CA ILE A 114 -4.78 -22.29 -14.85
C ILE A 114 -5.02 -23.47 -13.91
N ARG A 122 -3.69 -29.77 -0.89
CA ARG A 122 -3.39 -28.41 -0.40
C ARG A 122 -2.47 -27.62 -1.31
N MET A 123 -2.59 -26.31 -1.24
CA MET A 123 -1.58 -25.40 -1.77
C MET A 123 -0.25 -25.71 -1.10
N LYS A 124 0.82 -25.71 -1.88
CA LYS A 124 2.16 -25.89 -1.33
C LYS A 124 2.84 -24.55 -1.07
N ASP A 125 3.71 -24.53 -0.06
CA ASP A 125 4.40 -23.28 0.33
C ASP A 125 5.39 -22.73 -0.72
N ASP A 126 5.67 -23.56 -1.72
CA ASP A 126 6.62 -23.27 -2.82
C ASP A 126 6.06 -23.22 -4.25
N GLU A 127 4.74 -23.26 -4.40
CA GLU A 127 4.13 -23.19 -5.75
C GLU A 127 3.43 -21.88 -6.07
N TRP A 128 3.43 -20.92 -5.13
CA TRP A 128 2.85 -19.62 -5.41
C TRP A 128 3.49 -19.02 -6.65
N PHE A 129 4.79 -19.21 -6.83
CA PHE A 129 5.43 -18.47 -7.93
C PHE A 129 4.88 -18.94 -9.26
N ASP A 130 4.91 -20.24 -9.49
CA ASP A 130 4.42 -20.78 -10.79
C ASP A 130 2.93 -20.50 -11.04
N VAL A 131 2.11 -20.51 -10.01
CA VAL A 131 0.71 -20.15 -10.14
C VAL A 131 0.50 -18.70 -10.56
N VAL A 132 1.14 -17.74 -9.84
CA VAL A 132 0.99 -16.37 -10.16
C VAL A 132 1.65 -16.08 -11.51
N ASN A 133 2.85 -16.60 -11.68
CA ASN A 133 3.52 -16.40 -12.94
C ASN A 133 2.69 -16.85 -14.14
N THR A 134 2.16 -18.06 -14.04
CA THR A 134 1.37 -18.60 -15.13
C THR A 134 0.13 -17.78 -15.38
N ASN A 135 -0.54 -17.41 -14.32
CA ASN A 135 -1.79 -16.68 -14.46
CA ASN A 135 -1.76 -16.66 -14.47
C ASN A 135 -1.53 -15.32 -15.09
N LEU A 136 -0.42 -14.64 -14.70
CA LEU A 136 -0.18 -13.34 -15.31
C LEU A 136 0.24 -13.43 -16.73
N ASN A 137 0.96 -14.48 -17.09
CA ASN A 137 1.30 -14.71 -18.47
CA ASN A 137 1.31 -14.72 -18.48
C ASN A 137 0.04 -14.92 -19.30
N SER A 138 -0.95 -15.56 -18.71
CA SER A 138 -2.27 -15.74 -19.39
C SER A 138 -3.08 -14.49 -19.50
N LEU A 139 -3.06 -13.64 -18.49
CA LEU A 139 -3.69 -12.35 -18.59
C LEU A 139 -3.05 -11.53 -19.71
N TYR A 140 -1.73 -11.59 -19.80
CA TYR A 140 -1.05 -10.79 -20.80
C TYR A 140 -1.42 -11.30 -22.23
N ARG A 141 -1.40 -12.62 -22.36
CA ARG A 141 -1.63 -13.28 -23.63
C ARG A 141 -3.00 -12.88 -24.13
N LEU A 142 -4.02 -13.02 -23.28
CA LEU A 142 -5.34 -12.74 -23.77
C LEU A 142 -5.56 -11.23 -24.01
N SER A 143 -5.03 -10.40 -23.10
CA SER A 143 -5.16 -8.99 -23.21
C SER A 143 -4.50 -8.48 -24.48
N LYS A 144 -3.28 -8.90 -24.75
CA LYS A 144 -2.63 -8.45 -25.98
C LYS A 144 -3.47 -8.86 -27.21
N ALA A 145 -4.06 -10.07 -27.20
CA ALA A 145 -4.86 -10.52 -28.35
C ALA A 145 -6.10 -9.67 -28.57
N VAL A 146 -6.76 -9.23 -27.50
CA VAL A 146 -7.98 -8.48 -27.71
C VAL A 146 -7.78 -6.96 -27.85
N LEU A 147 -6.58 -6.46 -27.51
CA LEU A 147 -6.31 -5.05 -27.59
C LEU A 147 -6.29 -4.51 -29.00
N ARG A 148 -6.01 -5.34 -29.99
CA ARG A 148 -6.07 -4.83 -31.35
C ARG A 148 -7.45 -4.32 -31.72
N GLY A 149 -8.48 -5.12 -31.44
CA GLY A 149 -9.86 -4.69 -31.70
C GLY A 149 -10.30 -3.50 -30.91
N MET A 150 -9.87 -3.43 -29.63
CA MET A 150 -10.26 -2.26 -28.85
C MET A 150 -9.54 -1.02 -29.38
N THR A 151 -8.30 -1.19 -29.76
CA THR A 151 -7.51 -0.07 -30.31
C THR A 151 -8.18 0.48 -31.59
N LYS A 152 -8.70 -0.40 -32.43
CA LYS A 152 -9.43 0.03 -33.63
C LYS A 152 -10.68 0.78 -33.28
N ALA A 153 -11.40 0.32 -32.27
CA ALA A 153 -12.64 0.94 -31.83
C ALA A 153 -12.36 2.22 -30.98
N ARG A 154 -11.16 2.37 -30.49
CA ARG A 154 -10.79 3.43 -29.51
C ARG A 154 -11.75 3.38 -28.31
N TRP A 155 -12.03 2.15 -27.84
CA TRP A 155 -12.86 1.94 -26.65
C TRP A 155 -12.58 0.54 -26.17
N GLY A 156 -12.57 0.30 -24.85
CA GLY A 156 -12.50 -1.03 -24.40
C GLY A 156 -12.60 -1.06 -22.86
N ARG A 157 -12.88 -2.24 -22.41
CA ARG A 157 -12.84 -2.58 -20.94
C ARG A 157 -12.17 -3.90 -20.79
N ILE A 158 -11.09 -3.94 -20.00
CA ILE A 158 -10.42 -5.21 -19.63
C ILE A 158 -10.55 -5.24 -18.07
N ILE A 159 -11.12 -6.33 -17.57
CA ILE A 159 -11.37 -6.48 -16.10
C ILE A 159 -10.82 -7.81 -15.71
N ASN A 160 -9.84 -7.77 -14.79
CA ASN A 160 -9.19 -8.94 -14.34
C ASN A 160 -9.74 -9.37 -12.96
N ILE A 161 -10.07 -10.64 -12.78
CA ILE A 161 -10.64 -11.13 -11.55
C ILE A 161 -9.59 -11.88 -10.75
N GLY A 162 -9.38 -11.45 -9.54
CA GLY A 162 -8.47 -12.14 -8.66
C GLY A 162 -8.99 -13.47 -8.11
N SER A 163 -8.11 -14.16 -7.38
CA SER A 163 -8.52 -15.42 -6.77
CA SER A 163 -8.43 -15.43 -6.65
C SER A 163 -9.35 -15.19 -5.48
N VAL A 164 -10.17 -16.17 -5.16
CA VAL A 164 -11.04 -16.18 -4.00
C VAL A 164 -10.29 -16.65 -2.78
N VAL A 165 -10.61 -16.08 -1.61
CA VAL A 165 -9.97 -16.53 -0.37
C VAL A 165 -10.52 -17.89 -0.02
N GLY A 166 -9.68 -18.69 0.57
CA GLY A 166 -10.17 -19.86 1.29
C GLY A 166 -9.18 -20.98 1.50
N ALA A 167 -8.21 -21.08 0.59
CA ALA A 167 -7.31 -22.23 0.62
C ALA A 167 -6.60 -22.41 1.97
N MET A 168 -6.42 -23.67 2.36
CA MET A 168 -6.03 -24.01 3.72
C MET A 168 -4.52 -23.73 3.85
N GLY A 169 -4.10 -23.45 5.08
CA GLY A 169 -2.68 -23.36 5.38
C GLY A 169 -2.12 -21.97 5.21
N ASN A 170 -0.96 -21.75 5.83
CA ASN A 170 -0.08 -20.62 5.46
C ASN A 170 0.17 -20.56 3.93
N ALA A 171 0.29 -21.72 3.26
CA ALA A 171 0.46 -21.72 1.79
C ALA A 171 -0.71 -21.01 1.11
N GLY A 172 -1.92 -21.21 1.61
CA GLY A 172 -3.09 -20.53 0.99
C GLY A 172 -3.02 -19.03 1.12
N GLN A 173 -2.61 -18.55 2.29
CA GLN A 173 -2.50 -17.12 2.60
C GLN A 173 -1.41 -16.58 1.70
N THR A 174 -0.28 -17.30 1.67
CA THR A 174 0.85 -16.86 0.82
C THR A 174 0.41 -16.65 -0.61
N ASN A 175 -0.32 -17.63 -1.13
CA ASN A 175 -0.69 -17.59 -2.53
C ASN A 175 -1.72 -16.48 -2.76
N TYR A 176 -2.68 -16.30 -1.83
CA TYR A 176 -3.65 -15.26 -2.00
C TYR A 176 -3.01 -13.88 -2.13
N ALA A 177 -2.04 -13.62 -1.25
CA ALA A 177 -1.50 -12.28 -1.18
C ALA A 177 -0.61 -12.08 -2.41
N ALA A 178 0.11 -13.15 -2.77
CA ALA A 178 1.04 -13.05 -3.91
C ALA A 178 0.26 -12.81 -5.20
N ALA A 179 -0.82 -13.55 -5.33
CA ALA A 179 -1.66 -13.39 -6.54
C ALA A 179 -2.25 -11.99 -6.60
N LYS A 180 -2.74 -11.47 -5.46
CA LYS A 180 -3.32 -10.15 -5.45
C LYS A 180 -2.31 -9.04 -5.79
N ALA A 181 -1.04 -9.21 -5.31
CA ALA A 181 -0.02 -8.27 -5.59
C ALA A 181 0.39 -8.28 -7.07
N GLY A 182 0.46 -9.46 -7.68
CA GLY A 182 0.69 -9.59 -9.12
C GLY A 182 -0.41 -8.93 -9.93
N LEU A 183 -1.62 -9.17 -9.49
CA LEU A 183 -2.82 -8.69 -10.16
C LEU A 183 -2.82 -7.17 -10.15
N GLU A 184 -2.58 -6.54 -9.01
CA GLU A 184 -2.66 -5.12 -8.89
C GLU A 184 -1.61 -4.44 -9.79
N GLY A 185 -0.35 -4.94 -9.68
CA GLY A 185 0.72 -4.36 -10.47
C GLY A 185 0.48 -4.47 -11.97
N PHE A 186 0.10 -5.65 -12.39
CA PHE A 186 -0.14 -5.94 -13.81
C PHE A 186 -1.23 -5.00 -14.32
N THR A 187 -2.34 -4.90 -13.57
CA THR A 187 -3.47 -4.12 -14.00
C THR A 187 -3.11 -2.65 -14.11
N ARG A 188 -2.29 -2.13 -13.20
CA ARG A 188 -1.89 -0.72 -13.24
C ARG A 188 -0.99 -0.44 -14.45
N ALA A 189 -0.09 -1.38 -14.65
CA ALA A 189 0.84 -1.22 -15.79
C ALA A 189 0.11 -1.23 -17.14
N LEU A 190 -0.76 -2.20 -17.32
CA LEU A 190 -1.51 -2.29 -18.59
C LEU A 190 -2.40 -1.07 -18.78
N ALA A 191 -3.07 -0.59 -17.73
CA ALA A 191 -3.87 0.57 -17.80
C ALA A 191 -3.06 1.76 -18.32
N ARG A 192 -1.85 1.91 -17.81
CA ARG A 192 -1.03 3.04 -18.28
C ARG A 192 -0.70 2.89 -19.73
N GLU A 193 -0.42 1.68 -20.16
CA GLU A 193 0.00 1.41 -21.55
CA GLU A 193 0.00 1.42 -21.54
C GLU A 193 -1.11 1.73 -22.55
N VAL A 194 -2.38 1.43 -22.20
CA VAL A 194 -3.48 1.52 -23.19
C VAL A 194 -4.48 2.67 -22.97
N GLY A 195 -4.28 3.49 -21.96
CA GLY A 195 -5.23 4.52 -21.61
C GLY A 195 -5.43 5.59 -22.67
N SER A 196 -4.41 5.84 -23.48
CA SER A 196 -4.59 6.89 -24.50
C SER A 196 -5.60 6.47 -25.56
N ARG A 197 -5.89 5.17 -25.63
CA ARG A 197 -6.93 4.62 -26.50
C ARG A 197 -8.37 4.55 -25.96
N ALA A 198 -8.63 5.11 -24.78
CA ALA A 198 -9.96 5.10 -24.10
C ALA A 198 -10.33 3.64 -23.76
N ILE A 199 -9.30 2.88 -23.42
CA ILE A 199 -9.47 1.51 -22.98
C ILE A 199 -9.16 1.56 -21.50
N THR A 200 -10.06 1.10 -20.64
CA THR A 200 -9.74 0.98 -19.21
C THR A 200 -9.34 -0.44 -18.85
N VAL A 201 -8.48 -0.55 -17.80
CA VAL A 201 -8.02 -1.80 -17.35
C VAL A 201 -8.06 -1.79 -15.83
N ASN A 202 -8.94 -2.66 -15.25
CA ASN A 202 -9.21 -2.68 -13.83
C ASN A 202 -9.25 -4.11 -13.32
N ALA A 203 -9.19 -4.31 -12.01
CA ALA A 203 -9.24 -5.62 -11.43
C ALA A 203 -10.24 -5.61 -10.31
N VAL A 204 -10.78 -6.79 -9.98
CA VAL A 204 -11.63 -6.99 -8.82
C VAL A 204 -10.98 -8.09 -8.01
N ALA A 205 -10.76 -7.84 -6.73
CA ALA A 205 -10.11 -8.76 -5.79
C ALA A 205 -11.15 -9.31 -4.84
N PRO A 206 -11.67 -10.50 -5.13
CA PRO A 206 -12.67 -11.06 -4.22
C PRO A 206 -12.09 -11.49 -2.90
N GLY A 207 -12.93 -11.46 -1.88
CA GLY A 207 -12.67 -12.05 -0.61
C GLY A 207 -13.14 -13.48 -0.50
N PHE A 208 -13.83 -13.82 0.57
CA PHE A 208 -14.39 -15.18 0.76
C PHE A 208 -15.79 -15.24 0.21
N ILE A 209 -15.85 -15.80 -0.99
CA ILE A 209 -17.10 -15.84 -1.74
C ILE A 209 -17.63 -17.30 -1.79
N ASP A 210 -18.94 -17.40 -1.68
CA ASP A 210 -19.68 -18.72 -1.74
C ASP A 210 -19.62 -19.22 -3.18
N THR A 211 -18.81 -20.23 -3.39
CA THR A 211 -18.64 -20.84 -4.70
C THR A 211 -18.63 -22.33 -4.45
N ASP A 212 -18.61 -23.03 -5.58
CA ASP A 212 -18.41 -24.45 -5.55
C ASP A 212 -17.16 -24.82 -4.85
N MET A 213 -16.11 -24.00 -4.87
CA MET A 213 -14.84 -24.30 -4.22
C MET A 213 -14.78 -23.99 -2.70
N THR A 214 -15.66 -23.12 -2.20
CA THR A 214 -15.60 -22.77 -0.80
C THR A 214 -16.71 -23.39 -0.02
N ARG A 215 -17.83 -23.72 -0.68
CA ARG A 215 -19.09 -24.19 0.01
C ARG A 215 -18.87 -25.34 0.97
N GLU A 216 -17.97 -26.20 0.59
CA GLU A 216 -17.78 -27.42 1.36
C GLU A 216 -16.41 -27.42 2.05
N LEU A 217 -15.75 -26.26 2.23
CA LEU A 217 -14.48 -26.23 3.03
C LEU A 217 -14.79 -26.77 4.41
N PRO A 218 -13.79 -27.31 5.13
CA PRO A 218 -14.07 -27.70 6.53
C PRO A 218 -14.64 -26.57 7.31
N GLU A 219 -15.63 -26.91 8.11
CA GLU A 219 -16.32 -25.96 8.95
CA GLU A 219 -16.35 -25.91 8.88
C GLU A 219 -15.44 -25.05 9.76
N ALA A 220 -14.41 -25.62 10.37
CA ALA A 220 -13.47 -24.84 11.21
C ALA A 220 -12.81 -23.72 10.44
N GLN A 221 -12.43 -24.01 9.19
CA GLN A 221 -11.83 -23.03 8.33
C GLN A 221 -12.83 -21.97 7.90
N ARG A 222 -14.03 -22.39 7.53
CA ARG A 222 -15.07 -21.44 7.14
C ARG A 222 -15.36 -20.52 8.34
N GLU A 223 -15.46 -21.12 9.54
CA GLU A 223 -15.77 -20.33 10.75
C GLU A 223 -14.66 -19.35 11.06
N ALA A 224 -13.43 -19.76 10.94
CA ALA A 224 -12.29 -18.89 11.16
C ALA A 224 -12.31 -17.72 10.19
N LEU A 225 -12.61 -18.02 8.94
CA LEU A 225 -12.67 -16.94 7.92
C LEU A 225 -13.76 -16.01 8.24
N LEU A 226 -14.96 -16.50 8.53
CA LEU A 226 -16.05 -15.61 8.89
C LEU A 226 -15.78 -14.71 10.05
N GLY A 227 -15.02 -15.21 11.03
CA GLY A 227 -14.62 -14.39 12.15
C GLY A 227 -13.75 -13.20 11.84
N GLN A 228 -13.13 -13.19 10.66
CA GLN A 228 -12.29 -12.12 10.20
C GLN A 228 -12.99 -11.18 9.23
N ILE A 229 -14.27 -11.43 8.96
CA ILE A 229 -15.02 -10.63 8.02
C ILE A 229 -16.00 -9.71 8.73
N PRO A 230 -15.78 -8.39 8.65
CA PRO A 230 -16.71 -7.46 9.32
C PRO A 230 -18.19 -7.60 9.02
N LEU A 231 -18.49 -7.86 7.76
CA LEU A 231 -19.89 -8.11 7.39
C LEU A 231 -20.42 -9.42 7.97
N GLY A 232 -19.57 -10.35 8.38
CA GLY A 232 -20.06 -11.60 9.07
C GLY A 232 -20.70 -12.62 8.17
N ARG A 233 -20.41 -12.55 6.86
CA ARG A 233 -20.97 -13.45 5.91
C ARG A 233 -20.08 -13.63 4.71
N LEU A 234 -20.23 -14.74 4.01
CA LEU A 234 -19.59 -14.89 2.69
C LEU A 234 -20.22 -13.92 1.73
N GLY A 235 -19.46 -13.54 0.72
CA GLY A 235 -20.02 -12.84 -0.41
C GLY A 235 -20.65 -13.76 -1.44
N GLN A 236 -21.62 -13.24 -2.16
CA GLN A 236 -22.24 -13.98 -3.23
C GLN A 236 -21.52 -13.70 -4.54
N ALA A 237 -21.51 -14.69 -5.46
CA ALA A 237 -20.89 -14.47 -6.76
C ALA A 237 -21.44 -13.26 -7.48
N GLU A 238 -22.74 -13.02 -7.30
CA GLU A 238 -23.42 -11.92 -7.95
CA GLU A 238 -23.41 -11.93 -7.94
C GLU A 238 -22.87 -10.59 -7.45
N GLU A 239 -22.37 -10.58 -6.22
CA GLU A 239 -21.82 -9.33 -5.64
C GLU A 239 -20.49 -9.02 -6.26
N ILE A 240 -19.75 -9.97 -6.76
CA ILE A 240 -18.58 -9.71 -7.56
C ILE A 240 -19.00 -9.22 -8.94
N ALA A 241 -20.01 -9.90 -9.53
CA ALA A 241 -20.45 -9.56 -10.86
C ALA A 241 -21.06 -8.19 -11.00
N LYS A 242 -21.73 -7.68 -9.92
CA LYS A 242 -22.24 -6.32 -9.98
C LYS A 242 -21.14 -5.28 -10.10
N VAL A 243 -20.02 -5.54 -9.43
CA VAL A 243 -18.90 -4.63 -9.51
C VAL A 243 -18.34 -4.64 -10.93
N VAL A 244 -18.16 -5.85 -11.46
CA VAL A 244 -17.62 -5.99 -12.82
C VAL A 244 -18.50 -5.26 -13.84
N GLY A 245 -19.80 -5.46 -13.69
CA GLY A 245 -20.81 -4.76 -14.56
C GLY A 245 -20.69 -3.25 -14.50
N PHE A 246 -20.47 -2.72 -13.31
CA PHE A 246 -20.22 -1.27 -13.21
C PHE A 246 -18.98 -0.84 -13.93
N LEU A 247 -17.87 -1.57 -13.67
CA LEU A 247 -16.63 -1.23 -14.32
C LEU A 247 -16.72 -1.28 -15.83
N ALA A 248 -17.56 -2.19 -16.39
CA ALA A 248 -17.71 -2.33 -17.80
C ALA A 248 -18.54 -1.14 -18.43
N SER A 249 -19.22 -0.37 -17.58
CA SER A 249 -20.24 0.66 -18.01
C SER A 249 -19.49 1.93 -18.41
N ASP A 250 -20.20 2.78 -19.15
CA ASP A 250 -19.71 4.10 -19.47
CA ASP A 250 -19.71 4.09 -19.48
C ASP A 250 -19.47 4.99 -18.26
N GLY A 251 -20.23 4.77 -17.19
CA GLY A 251 -20.11 5.53 -15.97
C GLY A 251 -18.76 5.39 -15.34
N ALA A 252 -18.12 4.25 -15.61
CA ALA A 252 -16.77 3.94 -15.02
C ALA A 252 -15.61 4.36 -15.91
N ALA A 253 -15.85 5.24 -16.90
CA ALA A 253 -14.86 5.54 -17.89
C ALA A 253 -13.60 6.23 -17.36
N TYR A 254 -13.71 6.88 -16.20
CA TYR A 254 -12.53 7.47 -15.61
C TYR A 254 -11.84 6.62 -14.53
N VAL A 255 -12.32 5.41 -14.33
CA VAL A 255 -11.71 4.48 -13.43
C VAL A 255 -10.78 3.60 -14.32
N THR A 256 -9.48 3.67 -14.07
CA THR A 256 -8.55 2.78 -14.74
C THR A 256 -7.33 2.57 -13.90
N GLY A 257 -6.77 1.38 -13.99
CA GLY A 257 -5.65 0.94 -13.14
C GLY A 257 -5.98 0.52 -11.77
N ALA A 258 -7.23 0.46 -11.44
CA ALA A 258 -7.69 0.21 -10.10
C ALA A 258 -7.85 -1.27 -9.84
N THR A 259 -7.66 -1.66 -8.59
CA THR A 259 -8.06 -3.00 -8.06
C THR A 259 -9.13 -2.75 -6.94
N VAL A 260 -10.35 -3.17 -7.22
CA VAL A 260 -11.46 -2.98 -6.32
C VAL A 260 -11.57 -4.17 -5.46
N PRO A 261 -11.36 -4.06 -4.13
CA PRO A 261 -11.47 -5.22 -3.27
C PRO A 261 -12.98 -5.40 -2.96
N VAL A 262 -13.44 -6.63 -3.03
CA VAL A 262 -14.84 -6.97 -2.78
C VAL A 262 -14.86 -8.10 -1.76
N ASN A 263 -14.72 -7.76 -0.47
CA ASN A 263 -14.27 -8.71 0.54
C ASN A 263 -14.95 -8.53 1.87
N GLY A 264 -16.00 -7.71 1.93
CA GLY A 264 -16.74 -7.59 3.22
C GLY A 264 -15.96 -7.00 4.34
N GLY A 265 -14.86 -6.35 4.00
CA GLY A 265 -13.98 -5.71 4.96
C GLY A 265 -12.86 -6.54 5.51
N MET A 266 -12.69 -7.74 4.96
CA MET A 266 -11.60 -8.60 5.33
C MET A 266 -10.48 -8.32 4.37
N TYR A 267 -9.38 -7.74 4.81
CA TYR A 267 -8.21 -7.48 3.86
C TYR A 267 -6.95 -8.37 4.13
N MET A 268 -6.86 -9.50 3.42
CA MET A 268 -5.76 -10.43 3.69
C MET A 268 -4.56 -10.00 2.86
N SER A 269 -3.37 -9.91 3.46
CA SER A 269 -2.17 -9.42 2.83
C SER A 269 -0.93 -10.15 3.42
N LEU B 18 26.19 -4.43 26.13
CA LEU B 18 25.52 -3.56 25.12
C LEU B 18 26.42 -3.27 23.91
N TYR B 19 27.69 -2.99 24.16
CA TYR B 19 28.52 -2.43 23.07
C TYR B 19 29.11 -3.45 22.06
N PHE B 20 28.99 -4.74 22.40
CA PHE B 20 29.50 -5.91 21.62
C PHE B 20 28.52 -6.96 21.13
N GLN B 21 28.67 -7.29 19.86
CA GLN B 21 27.82 -8.24 19.15
C GLN B 21 28.37 -8.35 17.71
N SER B 22 27.61 -9.04 16.87
CA SER B 22 27.68 -8.96 15.44
C SER B 22 26.62 -8.05 14.83
N MET B 23 27.09 -6.90 14.38
CA MET B 23 26.52 -6.24 13.23
C MET B 23 27.38 -6.40 11.95
N SER B 24 28.42 -7.21 12.04
CA SER B 24 29.37 -7.40 10.93
C SER B 24 29.19 -8.79 10.32
N LEU B 25 29.92 -9.02 9.25
CA LEU B 25 29.70 -10.18 8.41
C LEU B 25 30.97 -11.05 8.28
N GLN B 26 31.91 -11.00 9.27
CA GLN B 26 33.07 -11.90 9.18
CA GLN B 26 33.09 -11.84 9.18
C GLN B 26 32.69 -13.32 9.16
N GLY B 27 33.33 -14.07 8.32
CA GLY B 27 33.11 -15.48 8.17
C GLY B 27 31.98 -15.84 7.24
N LYS B 28 31.30 -14.82 6.70
CA LYS B 28 30.20 -15.06 5.74
CA LYS B 28 30.23 -15.10 5.71
C LYS B 28 30.69 -14.87 4.29
N VAL B 29 30.07 -15.61 3.37
CA VAL B 29 30.32 -15.45 1.96
C VAL B 29 29.10 -14.75 1.34
N ALA B 30 29.30 -13.70 0.56
CA ALA B 30 28.21 -12.96 -0.10
C ALA B 30 28.35 -13.07 -1.59
N LEU B 31 27.25 -13.25 -2.32
CA LEU B 31 27.21 -13.19 -3.77
C LEU B 31 26.46 -11.94 -4.13
N VAL B 32 27.07 -11.08 -4.94
CA VAL B 32 26.39 -9.86 -5.37
C VAL B 32 26.39 -9.94 -6.88
N THR B 33 25.21 -10.13 -7.45
CA THR B 33 25.11 -10.17 -8.93
C THR B 33 25.06 -8.75 -9.52
N GLY B 34 25.69 -8.55 -10.66
CA GLY B 34 25.73 -7.21 -11.21
C GLY B 34 26.57 -6.22 -10.47
N ALA B 35 27.81 -6.61 -10.11
CA ALA B 35 28.71 -5.88 -9.26
C ALA B 35 29.77 -4.98 -9.91
N SER B 36 29.73 -4.89 -11.21
CA SER B 36 30.87 -4.21 -11.86
C SER B 36 30.87 -2.69 -11.84
N ARG B 37 29.75 -2.11 -11.54
CA ARG B 37 29.63 -0.65 -11.53
C ARG B 37 28.51 -0.23 -10.62
N GLY B 38 28.41 1.08 -10.35
CA GLY B 38 27.23 1.69 -9.72
C GLY B 38 26.86 1.04 -8.39
N ILE B 39 25.57 0.80 -8.31
CA ILE B 39 24.98 0.27 -7.07
C ILE B 39 25.59 -1.08 -6.70
N GLY B 40 25.73 -1.95 -7.70
CA GLY B 40 26.22 -3.30 -7.40
C GLY B 40 27.65 -3.26 -6.86
N GLN B 41 28.49 -2.42 -7.52
CA GLN B 41 29.87 -2.27 -7.02
C GLN B 41 29.92 -1.76 -5.62
N ALA B 42 29.10 -0.72 -5.31
CA ALA B 42 29.02 -0.15 -3.98
C ALA B 42 28.56 -1.20 -2.95
N ILE B 43 27.58 -1.99 -3.35
CA ILE B 43 27.12 -3.12 -2.48
C ILE B 43 28.22 -4.09 -2.16
N ALA B 44 28.93 -4.50 -3.19
CA ALA B 44 30.06 -5.41 -2.98
C ALA B 44 31.08 -4.86 -2.04
N LEU B 45 31.43 -3.58 -2.23
CA LEU B 45 32.43 -2.96 -1.33
C LEU B 45 31.94 -2.84 0.08
N GLU B 46 30.67 -2.49 0.28
CA GLU B 46 30.08 -2.38 1.61
C GLU B 46 30.08 -3.71 2.31
N LEU B 47 29.60 -4.76 1.67
CA LEU B 47 29.64 -6.06 2.30
C LEU B 47 31.09 -6.53 2.66
N GLY B 48 31.99 -6.19 1.77
CA GLY B 48 33.46 -6.43 2.01
C GLY B 48 33.93 -5.65 3.19
N ARG B 49 33.55 -4.41 3.33
CA ARG B 49 33.94 -3.57 4.50
C ARG B 49 33.44 -4.16 5.80
N LEU B 50 32.25 -4.79 5.75
CA LEU B 50 31.65 -5.37 6.92
C LEU B 50 32.26 -6.74 7.23
N GLY B 51 33.15 -7.22 6.38
CA GLY B 51 33.91 -8.42 6.60
C GLY B 51 33.52 -9.66 5.83
N ALA B 52 32.54 -9.55 4.92
CA ALA B 52 32.25 -10.69 4.10
C ALA B 52 33.30 -11.02 3.04
N VAL B 53 33.42 -12.28 2.67
CA VAL B 53 34.06 -12.68 1.46
C VAL B 53 33.10 -12.47 0.33
N VAL B 54 33.47 -11.69 -0.66
CA VAL B 54 32.48 -11.22 -1.68
C VAL B 54 32.75 -11.76 -3.04
N ILE B 55 31.80 -12.52 -3.55
CA ILE B 55 31.78 -12.89 -4.95
C ILE B 55 30.93 -11.91 -5.71
N GLY B 56 31.49 -11.09 -6.59
CA GLY B 56 30.75 -10.23 -7.49
C GLY B 56 30.67 -10.76 -8.90
N THR B 57 29.53 -10.61 -9.57
CA THR B 57 29.37 -11.14 -10.91
C THR B 57 29.06 -10.09 -11.94
N ALA B 58 29.49 -10.38 -13.18
CA ALA B 58 29.19 -9.56 -14.36
C ALA B 58 28.88 -10.48 -15.49
N THR B 59 28.42 -9.90 -16.58
CA THR B 59 28.04 -10.69 -17.76
C THR B 59 29.19 -10.97 -18.70
N SER B 60 30.33 -10.32 -18.49
CA SER B 60 31.51 -10.42 -19.36
C SER B 60 32.77 -10.65 -18.57
N ALA B 61 33.78 -11.22 -19.23
CA ALA B 61 35.06 -11.47 -18.60
C ALA B 61 35.70 -10.18 -18.15
N SER B 62 35.57 -9.12 -18.97
CA SER B 62 36.15 -7.83 -18.61
C SER B 62 35.49 -7.25 -17.35
N GLY B 63 34.18 -7.41 -17.24
CA GLY B 63 33.44 -7.03 -16.04
C GLY B 63 33.90 -7.81 -14.82
N ALA B 64 34.08 -9.12 -14.98
CA ALA B 64 34.54 -9.94 -13.88
C ALA B 64 35.91 -9.51 -13.45
N GLU B 65 36.79 -9.23 -14.43
CA GLU B 65 38.15 -8.76 -14.13
C GLU B 65 38.15 -7.42 -13.39
N LYS B 66 37.29 -6.50 -13.82
CA LYS B 66 37.09 -5.23 -13.12
C LYS B 66 36.64 -5.41 -11.70
N ILE B 67 35.67 -6.32 -11.48
CA ILE B 67 35.28 -6.66 -10.12
C ILE B 67 36.50 -7.13 -9.32
N ALA B 68 37.20 -8.13 -9.84
CA ALA B 68 38.29 -8.74 -9.09
C ALA B 68 39.34 -7.70 -8.71
N GLU B 69 39.64 -6.81 -9.65
CA GLU B 69 40.61 -5.73 -9.42
C GLU B 69 40.11 -4.71 -8.37
N THR B 70 38.80 -4.39 -8.43
CA THR B 70 38.22 -3.47 -7.48
C THR B 70 38.20 -4.02 -6.09
N LEU B 71 37.88 -5.30 -5.97
CA LEU B 71 37.88 -5.91 -4.65
C LEU B 71 39.30 -5.89 -4.05
N LYS B 72 40.24 -6.34 -4.88
CA LYS B 72 41.65 -6.38 -4.47
C LYS B 72 42.15 -5.00 -4.02
N ALA B 73 41.83 -3.99 -4.80
CA ALA B 73 42.25 -2.61 -4.47
C ALA B 73 41.71 -2.17 -3.13
N ASN B 74 40.57 -2.73 -2.70
CA ASN B 74 39.92 -2.31 -1.49
C ASN B 74 40.10 -3.30 -0.32
N GLY B 75 40.98 -4.28 -0.50
CA GLY B 75 41.30 -5.22 0.53
C GLY B 75 40.19 -6.19 0.86
N VAL B 76 39.33 -6.44 -0.09
CA VAL B 76 38.23 -7.39 0.10
C VAL B 76 38.60 -8.74 -0.50
N GLU B 77 38.42 -9.82 0.24
CA GLU B 77 38.63 -11.15 -0.29
C GLU B 77 37.38 -11.57 -1.03
N GLY B 78 37.60 -12.42 -2.05
CA GLY B 78 36.52 -12.91 -2.85
C GLY B 78 36.93 -13.18 -4.27
N ALA B 79 36.04 -12.88 -5.22
CA ALA B 79 36.31 -13.13 -6.62
C ALA B 79 35.35 -12.40 -7.51
N GLY B 80 35.71 -12.22 -8.78
CA GLY B 80 34.85 -11.73 -9.83
C GLY B 80 34.61 -12.85 -10.80
N LEU B 81 33.34 -13.14 -11.06
CA LEU B 81 32.91 -14.25 -11.92
C LEU B 81 31.90 -13.82 -12.97
N VAL B 82 31.81 -14.56 -14.07
CA VAL B 82 30.84 -14.31 -15.12
C VAL B 82 29.59 -15.09 -14.79
N LEU B 83 28.42 -14.42 -14.77
CA LEU B 83 27.17 -15.04 -14.51
C LEU B 83 26.09 -14.44 -15.33
N ASP B 84 25.29 -15.26 -15.95
CA ASP B 84 24.13 -14.82 -16.70
C ASP B 84 22.89 -15.30 -16.00
N VAL B 85 22.18 -14.41 -15.26
CA VAL B 85 21.13 -14.93 -14.36
C VAL B 85 19.89 -15.34 -15.14
N SER B 86 19.90 -15.05 -16.45
CA SER B 86 18.77 -15.48 -17.31
C SER B 86 18.94 -16.91 -17.74
N SER B 87 20.07 -17.52 -17.40
CA SER B 87 20.42 -18.89 -17.86
C SER B 87 20.49 -19.88 -16.70
N ASP B 88 19.65 -20.92 -16.76
CA ASP B 88 19.74 -22.03 -15.82
C ASP B 88 21.10 -22.67 -15.75
N GLU B 89 21.74 -22.84 -16.90
CA GLU B 89 23.03 -23.47 -16.99
C GLU B 89 24.13 -22.61 -16.37
N SER B 90 24.06 -21.30 -16.63
CA SER B 90 25.03 -20.39 -16.08
C SER B 90 24.89 -20.35 -14.53
N VAL B 91 23.68 -20.18 -14.06
CA VAL B 91 23.46 -20.17 -12.58
C VAL B 91 23.94 -21.47 -11.88
N ALA B 92 23.61 -22.62 -12.43
CA ALA B 92 24.02 -23.87 -11.80
C ALA B 92 25.54 -24.04 -11.83
N ALA B 93 26.14 -23.75 -12.98
CA ALA B 93 27.61 -23.88 -13.12
C ALA B 93 28.36 -22.94 -12.21
N THR B 94 27.88 -21.69 -12.16
CA THR B 94 28.52 -20.70 -11.30
C THR B 94 28.40 -21.04 -9.80
N LEU B 95 27.23 -21.45 -9.37
CA LEU B 95 27.06 -21.78 -7.95
CA LEU B 95 27.05 -21.77 -7.96
C LEU B 95 27.90 -22.98 -7.56
N GLU B 96 27.99 -23.96 -8.48
CA GLU B 96 28.85 -25.14 -8.20
C GLU B 96 30.31 -24.78 -8.07
N HIS B 97 30.78 -23.93 -8.95
CA HIS B 97 32.08 -23.39 -8.89
C HIS B 97 32.33 -22.67 -7.58
N ILE B 98 31.41 -21.79 -7.15
CA ILE B 98 31.57 -21.09 -5.87
C ILE B 98 31.66 -22.04 -4.69
N GLN B 99 30.76 -23.03 -4.69
CA GLN B 99 30.67 -23.96 -3.57
C GLN B 99 31.98 -24.74 -3.46
N GLN B 100 32.56 -25.08 -4.60
CA GLN B 100 33.79 -25.90 -4.58
C GLN B 100 35.01 -25.07 -4.18
N HIS B 101 35.09 -23.81 -4.62
CA HIS B 101 36.31 -23.01 -4.42
C HIS B 101 36.29 -21.98 -3.30
N LEU B 102 35.11 -21.50 -2.89
CA LEU B 102 35.01 -20.40 -1.91
C LEU B 102 34.15 -20.68 -0.74
N GLY B 103 33.03 -21.35 -0.96
CA GLY B 103 32.15 -21.68 0.16
C GLY B 103 30.71 -21.37 -0.27
N GLN B 104 29.76 -21.62 0.62
CA GLN B 104 28.32 -21.49 0.33
C GLN B 104 27.94 -20.02 0.53
N PRO B 105 27.40 -19.35 -0.49
CA PRO B 105 26.95 -17.93 -0.22
C PRO B 105 25.70 -17.86 0.66
N LEU B 106 25.81 -17.19 1.79
CA LEU B 106 24.74 -17.09 2.75
C LEU B 106 24.08 -15.72 2.70
N ILE B 107 24.67 -14.80 2.00
CA ILE B 107 24.08 -13.41 1.69
C ILE B 107 24.10 -13.33 0.19
N VAL B 108 22.92 -13.15 -0.44
CA VAL B 108 22.86 -13.03 -1.87
C VAL B 108 22.09 -11.78 -2.17
N VAL B 109 22.70 -10.90 -2.95
CA VAL B 109 22.16 -9.66 -3.38
C VAL B 109 21.93 -9.72 -4.83
N ASN B 110 20.69 -9.61 -5.26
CA ASN B 110 20.36 -9.70 -6.67
C ASN B 110 20.27 -8.29 -7.23
N ASN B 111 21.24 -7.91 -8.04
CA ASN B 111 21.25 -6.63 -8.68
C ASN B 111 21.44 -6.75 -10.21
N ALA B 112 21.58 -7.94 -10.69
CA ALA B 112 21.69 -8.20 -12.12
C ALA B 112 20.36 -8.05 -12.78
N GLY B 113 20.33 -7.31 -13.88
CA GLY B 113 19.08 -6.99 -14.54
C GLY B 113 19.18 -7.71 -15.87
N ILE B 114 18.03 -7.88 -16.50
CA ILE B 114 17.97 -8.50 -17.82
C ILE B 114 17.34 -7.45 -18.65
N THR B 115 17.95 -7.20 -19.81
CA THR B 115 17.38 -6.31 -20.82
C THR B 115 16.27 -6.99 -21.66
N ARG B 116 15.17 -6.28 -21.91
CA ARG B 116 14.10 -6.87 -22.72
C ARG B 116 13.20 -5.80 -23.28
N ASP B 126 5.35 -0.92 -24.11
CA ASP B 126 4.89 -2.31 -24.13
C ASP B 126 5.95 -3.32 -23.67
N GLU B 127 7.08 -2.83 -23.15
CA GLU B 127 8.14 -3.72 -22.68
C GLU B 127 8.10 -4.01 -21.18
N TRP B 128 7.31 -3.28 -20.41
CA TRP B 128 7.27 -3.48 -19.00
C TRP B 128 6.93 -4.92 -18.63
N PHE B 129 6.06 -5.60 -19.42
CA PHE B 129 5.67 -6.92 -18.97
C PHE B 129 6.82 -7.86 -19.04
N ASP B 130 7.51 -7.89 -20.18
CA ASP B 130 8.60 -8.81 -20.36
C ASP B 130 9.74 -8.48 -19.42
N VAL B 131 9.97 -7.21 -19.14
CA VAL B 131 11.05 -6.83 -18.19
C VAL B 131 10.78 -7.35 -16.82
N VAL B 132 9.55 -7.11 -16.29
CA VAL B 132 9.20 -7.56 -14.98
C VAL B 132 9.13 -9.09 -14.97
N ASN B 133 8.50 -9.71 -15.98
CA ASN B 133 8.42 -11.19 -16.04
C ASN B 133 9.73 -11.88 -16.12
N THR B 134 10.63 -11.36 -16.95
CA THR B 134 11.95 -11.96 -17.07
C THR B 134 12.76 -11.81 -15.74
N ASN B 135 12.70 -10.63 -15.19
CA ASN B 135 13.43 -10.30 -14.04
C ASN B 135 12.93 -11.19 -12.87
N LEU B 136 11.60 -11.38 -12.69
CA LEU B 136 11.12 -12.23 -11.52
C LEU B 136 11.41 -13.67 -11.74
N ASN B 137 11.38 -14.14 -12.99
CA ASN B 137 11.84 -15.47 -13.34
C ASN B 137 13.28 -15.70 -13.02
N SER B 138 14.10 -14.67 -13.22
CA SER B 138 15.54 -14.70 -12.82
C SER B 138 15.73 -14.71 -11.34
N LEU B 139 14.99 -13.88 -10.64
CA LEU B 139 15.11 -13.86 -9.23
C LEU B 139 14.77 -15.23 -8.69
N TYR B 140 13.71 -15.83 -9.19
CA TYR B 140 13.22 -17.11 -8.66
C TYR B 140 14.28 -18.18 -8.90
N ARG B 141 14.79 -18.22 -10.13
CA ARG B 141 15.89 -19.12 -10.53
C ARG B 141 17.03 -19.06 -9.54
N LEU B 142 17.59 -17.88 -9.34
CA LEU B 142 18.80 -17.69 -8.56
C LEU B 142 18.46 -18.03 -7.13
N SER B 143 17.30 -17.56 -6.64
CA SER B 143 16.98 -17.73 -5.23
C SER B 143 16.84 -19.22 -4.93
N LYS B 144 16.13 -19.97 -5.78
CA LYS B 144 16.00 -21.42 -5.53
C LYS B 144 17.38 -22.06 -5.47
N ALA B 145 18.28 -21.65 -6.36
CA ALA B 145 19.61 -22.24 -6.41
C ALA B 145 20.37 -22.00 -5.11
N VAL B 146 20.31 -20.79 -4.55
CA VAL B 146 21.10 -20.51 -3.38
C VAL B 146 20.50 -20.93 -2.07
N LEU B 147 19.20 -21.19 -2.13
CA LEU B 147 18.53 -21.53 -0.92
C LEU B 147 18.93 -22.88 -0.27
N ARG B 148 19.42 -23.81 -1.08
CA ARG B 148 19.93 -25.05 -0.45
C ARG B 148 20.97 -24.86 0.58
N GLY B 149 21.97 -24.04 0.23
CA GLY B 149 23.02 -23.74 1.16
C GLY B 149 22.58 -23.00 2.40
N MET B 150 21.65 -22.03 2.21
CA MET B 150 21.17 -21.33 3.37
C MET B 150 20.35 -22.23 4.28
N THR B 151 19.61 -23.15 3.67
CA THR B 151 18.81 -24.12 4.46
C THR B 151 19.76 -25.00 5.31
N LYS B 152 20.90 -25.40 4.75
CA LYS B 152 21.93 -26.18 5.54
C LYS B 152 22.49 -25.41 6.66
N ALA B 153 22.72 -24.11 6.47
CA ALA B 153 23.29 -23.30 7.48
C ALA B 153 22.24 -22.86 8.53
N ARG B 154 20.98 -23.02 8.19
CA ARG B 154 19.85 -22.48 8.95
C ARG B 154 19.98 -20.96 9.14
N TRP B 155 20.40 -20.28 8.10
CA TRP B 155 20.57 -18.85 8.13
C TRP B 155 20.78 -18.33 6.75
N GLY B 156 20.20 -17.17 6.41
CA GLY B 156 20.45 -16.60 5.12
C GLY B 156 19.90 -15.23 5.02
N ARG B 157 20.35 -14.53 3.97
CA ARG B 157 19.86 -13.22 3.62
C ARG B 157 19.76 -13.16 2.12
N ILE B 158 18.58 -12.89 1.59
CA ILE B 158 18.37 -12.59 0.20
C ILE B 158 17.87 -11.16 0.14
N ILE B 159 18.53 -10.35 -0.71
CA ILE B 159 18.20 -8.93 -0.84
C ILE B 159 18.09 -8.66 -2.31
N ASN B 160 16.92 -8.23 -2.73
CA ASN B 160 16.65 -7.95 -4.12
C ASN B 160 16.66 -6.47 -4.37
N ILE B 161 17.45 -6.02 -5.33
CA ILE B 161 17.53 -4.60 -5.64
C ILE B 161 16.56 -4.29 -6.80
N GLY B 162 15.78 -3.25 -6.65
CA GLY B 162 14.84 -2.85 -7.64
C GLY B 162 15.65 -2.04 -8.66
N SER B 163 15.00 -1.72 -9.73
CA SER B 163 15.60 -0.85 -10.74
C SER B 163 15.41 0.62 -10.42
N VAL B 164 16.44 1.41 -10.76
CA VAL B 164 16.41 2.80 -10.38
C VAL B 164 15.47 3.52 -11.33
N VAL B 165 15.11 4.73 -10.93
CA VAL B 165 14.50 5.60 -11.88
C VAL B 165 15.62 6.17 -12.79
N ALA B 171 6.12 6.77 -19.45
CA ALA B 171 6.68 5.41 -19.66
C ALA B 171 7.67 5.02 -18.58
N GLY B 172 8.50 5.97 -18.17
CA GLY B 172 9.47 5.71 -17.11
C GLY B 172 8.77 5.35 -15.81
N GLN B 173 7.69 6.09 -15.49
CA GLN B 173 6.91 5.84 -14.31
C GLN B 173 6.28 4.48 -14.41
N THR B 174 5.67 4.19 -15.57
CA THR B 174 5.00 2.91 -15.76
C THR B 174 5.94 1.75 -15.47
N ASN B 175 7.14 1.81 -16.04
CA ASN B 175 8.04 0.68 -15.99
C ASN B 175 8.58 0.58 -14.60
N TYR B 176 8.93 1.72 -14.01
CA TYR B 176 9.44 1.72 -12.65
C TYR B 176 8.48 1.15 -11.66
N ALA B 177 7.24 1.61 -11.74
CA ALA B 177 6.28 1.18 -10.78
C ALA B 177 5.96 -0.33 -11.00
N ALA B 178 5.90 -0.77 -12.26
CA ALA B 178 5.56 -2.16 -12.47
C ALA B 178 6.67 -3.04 -11.84
N ALA B 179 7.91 -2.62 -12.08
CA ALA B 179 9.02 -3.44 -11.65
C ALA B 179 9.01 -3.46 -10.13
N LYS B 180 8.67 -2.32 -9.49
CA LYS B 180 8.54 -2.26 -8.02
C LYS B 180 7.38 -3.13 -7.46
N ALA B 181 6.27 -3.13 -8.19
CA ALA B 181 5.10 -3.90 -7.73
C ALA B 181 5.35 -5.38 -7.77
N GLY B 182 5.99 -5.83 -8.84
CA GLY B 182 6.38 -7.23 -8.97
C GLY B 182 7.28 -7.61 -7.86
N LEU B 183 8.23 -6.72 -7.63
CA LEU B 183 9.33 -6.94 -6.72
C LEU B 183 8.74 -7.10 -5.30
N GLU B 184 7.86 -6.21 -4.89
CA GLU B 184 7.31 -6.25 -3.52
C GLU B 184 6.57 -7.54 -3.24
N GLY B 185 5.66 -7.89 -4.15
CA GLY B 185 4.90 -9.12 -3.97
C GLY B 185 5.73 -10.36 -3.99
N PHE B 186 6.69 -10.42 -4.89
CA PHE B 186 7.62 -11.56 -5.02
C PHE B 186 8.41 -11.70 -3.72
N THR B 187 8.91 -10.60 -3.21
CA THR B 187 9.80 -10.60 -2.05
C THR B 187 9.00 -11.09 -0.84
N ARG B 188 7.75 -10.60 -0.68
CA ARG B 188 6.96 -10.93 0.47
C ARG B 188 6.61 -12.43 0.45
N ALA B 189 6.29 -12.94 -0.74
CA ALA B 189 5.94 -14.34 -0.89
C ALA B 189 7.12 -15.27 -0.60
N LEU B 190 8.26 -14.97 -1.22
CA LEU B 190 9.47 -15.79 -0.93
C LEU B 190 9.86 -15.70 0.53
N ALA B 191 9.70 -14.54 1.18
CA ALA B 191 9.96 -14.41 2.58
C ALA B 191 9.09 -15.40 3.41
N ARG B 192 7.84 -15.49 3.04
CA ARG B 192 6.95 -16.36 3.75
C ARG B 192 7.34 -17.83 3.57
N GLU B 193 7.79 -18.16 2.37
CA GLU B 193 8.21 -19.58 2.04
C GLU B 193 9.42 -20.01 2.83
N VAL B 194 10.36 -19.13 3.06
CA VAL B 194 11.64 -19.49 3.62
C VAL B 194 11.88 -19.05 5.06
N GLY B 195 10.91 -18.34 5.69
CA GLY B 195 11.11 -17.76 6.99
C GLY B 195 11.34 -18.74 8.13
N SER B 196 10.78 -19.94 7.99
CA SER B 196 10.98 -20.86 9.12
C SER B 196 12.40 -21.32 9.20
N ARG B 197 13.15 -21.13 8.14
CA ARG B 197 14.58 -21.53 8.08
C ARG B 197 15.53 -20.47 8.55
N ALA B 198 15.01 -19.38 9.08
CA ALA B 198 15.81 -18.27 9.57
C ALA B 198 16.51 -17.61 8.38
N ILE B 199 15.87 -17.55 7.24
CA ILE B 199 16.38 -16.87 6.06
C ILE B 199 15.43 -15.65 5.91
N THR B 200 15.98 -14.46 5.80
CA THR B 200 15.17 -13.31 5.45
C THR B 200 15.28 -12.96 3.97
N VAL B 201 14.19 -12.37 3.43
CA VAL B 201 14.11 -11.98 2.05
C VAL B 201 13.54 -10.60 2.02
N ASN B 202 14.30 -9.64 1.51
CA ASN B 202 13.91 -8.24 1.55
C ASN B 202 14.28 -7.61 0.19
N ALA B 203 13.73 -6.43 -0.09
CA ALA B 203 14.05 -5.68 -1.28
C ALA B 203 14.41 -4.25 -0.91
N VAL B 204 15.18 -3.63 -1.80
CA VAL B 204 15.52 -2.21 -1.71
C VAL B 204 15.09 -1.61 -3.00
N ALA B 205 14.29 -0.56 -2.92
CA ALA B 205 13.73 0.14 -4.06
C ALA B 205 14.37 1.51 -4.20
N PRO B 206 15.43 1.62 -5.05
CA PRO B 206 16.05 2.93 -5.14
C PRO B 206 15.23 3.92 -5.88
N GLY B 207 15.44 5.19 -5.54
CA GLY B 207 14.85 6.31 -6.32
C GLY B 207 15.83 6.71 -7.39
N PHE B 208 16.05 8.02 -7.52
CA PHE B 208 16.98 8.53 -8.49
C PHE B 208 18.36 8.57 -7.90
N ILE B 209 19.25 7.78 -8.45
CA ILE B 209 20.57 7.65 -7.92
C ILE B 209 21.60 8.21 -8.95
N ASP B 210 22.67 8.76 -8.44
CA ASP B 210 23.77 9.36 -9.28
C ASP B 210 24.47 8.11 -9.86
N THR B 211 24.16 7.76 -11.08
CA THR B 211 24.86 6.67 -11.78
C THR B 211 24.96 7.12 -13.28
N ASP B 212 25.04 6.16 -14.19
CA ASP B 212 24.71 6.24 -15.63
C ASP B 212 23.92 7.42 -16.15
N MET B 213 22.62 7.24 -16.13
CA MET B 213 21.63 8.02 -16.85
C MET B 213 21.59 9.47 -16.36
N THR B 214 21.75 9.65 -15.05
CA THR B 214 21.35 10.93 -14.52
C THR B 214 22.50 11.86 -14.80
N ARG B 215 23.64 11.26 -15.03
CA ARG B 215 24.91 11.98 -15.35
C ARG B 215 24.83 12.64 -16.71
N GLU B 216 23.77 12.33 -17.49
CA GLU B 216 23.54 12.98 -18.80
C GLU B 216 22.25 13.81 -19.00
N LEU B 217 21.48 14.03 -17.95
CA LEU B 217 20.25 14.77 -18.07
C LEU B 217 20.40 16.26 -18.35
N PRO B 218 19.56 16.84 -19.20
CA PRO B 218 19.57 18.28 -19.33
C PRO B 218 19.25 18.99 -18.03
N GLU B 219 19.85 20.15 -17.85
CA GLU B 219 19.67 20.92 -16.64
C GLU B 219 18.22 21.18 -16.27
N ALA B 220 17.38 21.53 -17.24
CA ALA B 220 15.94 21.78 -16.97
C ALA B 220 15.27 20.51 -16.40
N GLN B 221 15.68 19.36 -16.92
CA GLN B 221 15.10 18.09 -16.48
C GLN B 221 15.63 17.72 -15.07
N ARG B 222 16.92 17.89 -14.86
CA ARG B 222 17.50 17.70 -13.58
C ARG B 222 16.82 18.56 -12.56
N GLU B 223 16.59 19.82 -12.90
CA GLU B 223 16.03 20.76 -11.93
C GLU B 223 14.61 20.34 -11.59
N ALA B 224 13.86 19.91 -12.60
CA ALA B 224 12.48 19.44 -12.39
C ALA B 224 12.50 18.16 -11.54
N LEU B 225 13.47 17.31 -11.81
CA LEU B 225 13.59 16.05 -11.12
C LEU B 225 13.93 16.27 -9.65
N LEU B 226 14.89 17.11 -9.39
CA LEU B 226 15.26 17.44 -8.04
C LEU B 226 14.11 18.08 -7.31
N GLY B 227 13.26 18.87 -7.99
CA GLY B 227 12.08 19.41 -7.31
C GLY B 227 11.05 18.40 -6.88
N GLN B 228 11.08 17.17 -7.43
CA GLN B 228 10.18 16.14 -7.04
C GLN B 228 10.79 15.33 -5.87
N ILE B 229 12.01 15.66 -5.46
CA ILE B 229 12.71 14.93 -4.43
C ILE B 229 12.80 15.84 -3.19
N PRO B 230 12.13 15.48 -2.08
CA PRO B 230 12.24 16.33 -0.91
C PRO B 230 13.66 16.63 -0.40
N LEU B 231 14.57 15.66 -0.41
CA LEU B 231 15.94 15.92 0.02
C LEU B 231 16.69 16.85 -0.96
N GLY B 232 16.17 16.99 -2.15
CA GLY B 232 16.74 17.96 -3.12
C GLY B 232 18.03 17.54 -3.74
N ARG B 233 18.28 16.23 -3.79
CA ARG B 233 19.53 15.70 -4.35
C ARG B 233 19.34 14.28 -4.82
N LEU B 234 20.13 13.84 -5.77
CA LEU B 234 20.17 12.44 -6.11
C LEU B 234 20.80 11.68 -4.97
N GLY B 235 20.42 10.40 -4.88
CA GLY B 235 21.12 9.53 -3.95
C GLY B 235 22.48 9.05 -4.42
N GLN B 236 23.36 8.69 -3.49
CA GLN B 236 24.63 8.06 -3.86
C GLN B 236 24.45 6.56 -3.86
N ALA B 237 25.19 5.90 -4.74
CA ALA B 237 25.24 4.41 -4.70
C ALA B 237 25.53 3.87 -3.33
N GLU B 238 26.39 4.51 -2.62
CA GLU B 238 26.79 4.08 -1.28
C GLU B 238 25.62 4.13 -0.32
N GLU B 239 24.65 5.03 -0.58
CA GLU B 239 23.46 5.16 0.28
C GLU B 239 22.53 3.97 0.03
N ILE B 240 22.52 3.37 -1.13
CA ILE B 240 21.80 2.10 -1.32
C ILE B 240 22.59 1.00 -0.60
N ALA B 241 23.92 0.97 -0.82
CA ALA B 241 24.75 -0.06 -0.22
C ALA B 241 24.68 -0.15 1.32
N LYS B 242 24.59 1.02 2.01
CA LYS B 242 24.48 0.97 3.44
C LYS B 242 23.16 0.32 3.92
N VAL B 243 22.06 0.50 3.18
CA VAL B 243 20.78 -0.12 3.54
C VAL B 243 20.94 -1.63 3.37
N VAL B 244 21.56 -2.05 2.25
CA VAL B 244 21.79 -3.50 2.01
C VAL B 244 22.66 -4.10 3.12
N GLY B 245 23.73 -3.43 3.49
CA GLY B 245 24.60 -3.85 4.56
C GLY B 245 23.85 -4.06 5.85
N PHE B 246 22.93 -3.14 6.17
CA PHE B 246 22.13 -3.32 7.38
C PHE B 246 21.21 -4.55 7.30
N LEU B 247 20.51 -4.69 6.17
CA LEU B 247 19.63 -5.82 5.96
C LEU B 247 20.37 -7.14 6.04
N ALA B 248 21.66 -7.16 5.62
CA ALA B 248 22.41 -8.36 5.66
C ALA B 248 22.86 -8.77 7.07
N SER B 249 22.75 -7.85 8.04
CA SER B 249 23.30 -8.02 9.38
C SER B 249 22.38 -8.88 10.26
N ASP B 250 22.92 -9.29 11.39
CA ASP B 250 22.10 -9.93 12.42
CA ASP B 250 22.12 -9.96 12.41
C ASP B 250 21.07 -9.06 13.03
N GLY B 251 21.35 -7.76 13.06
CA GLY B 251 20.43 -6.81 13.66
C GLY B 251 19.09 -6.72 12.89
N ALA B 252 19.11 -7.14 11.62
CA ALA B 252 17.94 -7.09 10.77
C ALA B 252 17.22 -8.45 10.70
N ALA B 253 17.44 -9.29 11.69
CA ALA B 253 16.92 -10.64 11.63
C ALA B 253 15.38 -10.73 11.66
N TYR B 254 14.71 -9.71 12.14
CA TYR B 254 13.22 -9.76 12.21
C TYR B 254 12.61 -9.03 11.04
N VAL B 255 13.42 -8.42 10.18
CA VAL B 255 12.94 -7.77 8.98
C VAL B 255 12.91 -8.78 7.87
N THR B 256 11.72 -9.13 7.42
CA THR B 256 11.61 -10.02 6.28
C THR B 256 10.30 -9.67 5.50
N GLY B 257 10.38 -9.85 4.18
CA GLY B 257 9.33 -9.50 3.31
C GLY B 257 9.14 -8.04 3.04
N ALA B 258 10.07 -7.22 3.45
CA ALA B 258 9.99 -5.78 3.41
C ALA B 258 10.63 -5.29 2.07
N THR B 259 10.04 -4.22 1.53
CA THR B 259 10.67 -3.45 0.42
C THR B 259 10.97 -2.06 1.00
N VAL B 260 12.26 -1.77 1.18
CA VAL B 260 12.73 -0.51 1.81
C VAL B 260 12.92 0.46 0.65
N PRO B 261 12.15 1.57 0.58
CA PRO B 261 12.35 2.58 -0.47
C PRO B 261 13.51 3.46 -0.04
N VAL B 262 14.39 3.76 -0.96
CA VAL B 262 15.58 4.56 -0.67
C VAL B 262 15.64 5.60 -1.79
N ASN B 263 14.89 6.67 -1.60
CA ASN B 263 14.48 7.55 -2.66
C ASN B 263 14.38 9.00 -2.29
N GLY B 264 14.90 9.38 -1.13
CA GLY B 264 14.91 10.75 -0.72
C GLY B 264 13.58 11.41 -0.58
N GLY B 265 12.53 10.63 -0.47
CA GLY B 265 11.20 11.07 -0.31
C GLY B 265 10.37 11.21 -1.57
N MET B 266 10.95 10.77 -2.68
CA MET B 266 10.26 10.75 -4.01
CA MET B 266 10.27 10.75 -4.00
C MET B 266 9.62 9.37 -4.18
N TYR B 267 8.30 9.32 -4.02
CA TYR B 267 7.56 8.06 -4.14
C TYR B 267 6.72 8.01 -5.40
N MET B 268 6.92 6.98 -6.20
CA MET B 268 6.12 6.74 -7.42
C MET B 268 5.39 5.39 -7.33
N SER B 269 4.07 5.39 -7.62
CA SER B 269 3.18 4.23 -7.52
C SER B 269 2.54 4.03 -8.90
N HIS C 2 10.86 15.14 47.62
CA HIS C 2 10.35 15.70 46.32
C HIS C 2 10.26 14.65 45.24
N HIS C 3 9.28 14.78 44.35
CA HIS C 3 9.40 14.14 43.04
C HIS C 3 10.36 15.00 42.26
N HIS C 4 11.46 14.44 41.77
CA HIS C 4 12.33 15.15 40.86
C HIS C 4 12.13 14.55 39.49
N HIS C 5 12.09 15.44 38.52
CA HIS C 5 11.69 15.05 37.18
C HIS C 5 12.82 14.86 36.20
N HIS C 6 14.06 15.31 36.49
CA HIS C 6 15.21 15.05 35.67
C HIS C 6 16.23 14.25 36.44
N HIS C 7 16.58 13.12 35.90
CA HIS C 7 17.54 12.18 36.53
C HIS C 7 18.66 11.92 35.54
N SER C 8 19.85 12.33 35.94
CA SER C 8 21.02 12.08 35.11
C SER C 8 21.49 10.66 35.23
N SER C 9 22.07 10.18 34.16
CA SER C 9 22.75 8.94 34.09
C SER C 9 23.95 8.83 35.13
N ASN C 17 37.98 6.50 28.94
CA ASN C 17 38.57 6.60 27.60
C ASN C 17 38.51 5.26 26.84
N LEU C 18 37.31 4.67 26.90
CA LEU C 18 36.92 3.47 26.18
C LEU C 18 36.02 3.80 25.00
N TYR C 19 36.58 3.72 23.82
CA TYR C 19 35.95 4.14 22.61
C TYR C 19 35.43 2.93 21.89
N PHE C 20 34.13 2.63 21.98
CA PHE C 20 33.55 1.52 21.24
C PHE C 20 33.39 1.81 19.79
N GLN C 21 33.65 0.80 18.93
CA GLN C 21 33.65 0.96 17.49
C GLN C 21 32.23 1.34 17.05
N SER C 22 31.30 0.86 17.84
CA SER C 22 29.87 1.07 17.47
C SER C 22 29.50 2.56 17.46
N MET C 23 30.23 3.39 18.18
CA MET C 23 29.80 4.79 18.30
C MET C 23 30.03 5.58 17.00
N SER C 24 28.96 6.06 16.39
CA SER C 24 29.04 6.89 15.21
C SER C 24 28.21 8.14 15.28
N LEU C 25 27.41 8.22 16.32
CA LEU C 25 26.56 9.37 16.47
C LEU C 25 27.24 10.44 17.31
N GLN C 26 28.51 10.29 17.72
CA GLN C 26 29.32 11.37 18.25
C GLN C 26 28.60 12.33 19.18
N GLY C 27 27.90 11.77 20.16
CA GLY C 27 27.41 12.57 21.25
C GLY C 27 26.22 13.45 20.86
N LYS C 28 25.70 13.34 19.58
CA LYS C 28 24.41 13.92 19.08
C LYS C 28 23.47 13.65 20.20
N VAL C 29 22.52 14.55 20.41
CA VAL C 29 21.55 14.29 21.47
C VAL C 29 20.35 13.60 20.83
N ALA C 30 19.88 12.50 21.44
CA ALA C 30 18.69 11.78 20.97
C ALA C 30 17.65 11.83 22.06
N LEU C 31 16.40 12.12 21.65
CA LEU C 31 15.26 12.10 22.59
C LEU C 31 14.44 10.88 22.20
N VAL C 32 14.23 9.96 23.13
CA VAL C 32 13.40 8.78 22.92
C VAL C 32 12.23 8.86 23.90
N THR C 33 11.04 9.08 23.35
CA THR C 33 9.87 9.13 24.22
C THR C 33 9.41 7.74 24.57
N GLY C 34 8.84 7.58 25.78
CA GLY C 34 8.37 6.28 26.22
C GLY C 34 9.48 5.25 26.36
N ALA C 35 10.52 5.62 27.07
CA ALA C 35 11.71 4.81 27.17
C ALA C 35 11.80 3.92 28.44
N SER C 36 10.75 3.85 29.25
CA SER C 36 10.80 3.08 30.53
CA SER C 36 10.95 3.16 30.54
C SER C 36 10.89 1.60 30.40
N ARG C 37 10.45 1.07 29.29
CA ARG C 37 10.35 -0.38 29.14
C ARG C 37 10.26 -0.80 27.67
N GLY C 38 10.36 -2.10 27.40
CA GLY C 38 10.09 -2.64 26.09
C GLY C 38 10.92 -2.00 24.95
N ILE C 39 10.17 -1.74 23.86
CA ILE C 39 10.81 -1.20 22.66
C ILE C 39 11.49 0.15 22.94
N GLY C 40 10.83 1.05 23.69
CA GLY C 40 11.45 2.34 23.92
C GLY C 40 12.75 2.26 24.69
N GLN C 41 12.77 1.36 25.71
CA GLN C 41 13.99 1.13 26.45
C GLN C 41 15.12 0.59 25.55
N ALA C 42 14.76 -0.35 24.73
CA ALA C 42 15.70 -0.97 23.82
C ALA C 42 16.27 0.06 22.84
N ILE C 43 15.39 0.91 22.36
CA ILE C 43 15.83 2.02 21.46
C ILE C 43 16.78 2.94 22.17
N ALA C 44 16.47 3.33 23.40
CA ALA C 44 17.35 4.18 24.15
C ALA C 44 18.75 3.55 24.32
N LEU C 45 18.79 2.26 24.65
CA LEU C 45 20.06 1.59 24.84
C LEU C 45 20.80 1.48 23.47
N GLU C 46 20.09 1.19 22.42
CA GLU C 46 20.70 1.10 21.08
C GLU C 46 21.32 2.41 20.67
N LEU C 47 20.61 3.52 20.81
CA LEU C 47 21.19 4.77 20.53
C LEU C 47 22.40 5.13 21.38
N GLY C 48 22.36 4.72 22.63
CA GLY C 48 23.52 4.83 23.50
C GLY C 48 24.69 4.00 22.93
N ARG C 49 24.42 2.79 22.48
CA ARG C 49 25.47 1.91 21.90
C ARG C 49 26.09 2.60 20.70
N LEU C 50 25.29 3.41 20.00
CA LEU C 50 25.75 4.08 18.81
C LEU C 50 26.37 5.44 19.08
N GLY C 51 26.49 5.83 20.32
CA GLY C 51 27.22 7.01 20.76
C GLY C 51 26.47 8.30 20.96
N ALA C 52 25.13 8.18 20.98
CA ALA C 52 24.36 9.40 21.29
C ALA C 52 24.33 9.64 22.79
N VAL C 53 24.09 10.92 23.12
CA VAL C 53 23.66 11.32 24.49
C VAL C 53 22.16 11.10 24.49
N VAL C 54 21.69 10.22 25.32
CA VAL C 54 20.29 9.73 25.21
C VAL C 54 19.40 10.31 26.33
N ILE C 55 18.35 11.00 25.90
CA ILE C 55 17.29 11.46 26.84
C ILE C 55 16.15 10.54 26.64
N GLY C 56 15.79 9.69 27.61
CA GLY C 56 14.62 8.87 27.56
C GLY C 56 13.54 9.54 28.40
N THR C 57 12.30 9.42 28.00
CA THR C 57 11.22 10.02 28.76
C THR C 57 10.17 9.06 29.21
N ALA C 58 9.49 9.47 30.33
CA ALA C 58 8.33 8.85 30.87
C ALA C 58 7.38 9.94 31.28
N THR C 59 6.16 9.60 31.68
CA THR C 59 5.24 10.62 32.20
C THR C 59 5.21 10.81 33.71
N SER C 60 6.02 10.01 34.40
CA SER C 60 6.15 10.14 35.84
C SER C 60 7.60 10.25 36.25
N ALA C 61 7.80 10.87 37.43
CA ALA C 61 9.09 10.96 37.99
C ALA C 61 9.75 9.58 38.23
N SER C 62 8.91 8.60 38.66
CA SER C 62 9.46 7.27 38.91
C SER C 62 9.97 6.62 37.63
N GLY C 63 9.23 6.84 36.53
CA GLY C 63 9.69 6.37 35.23
C GLY C 63 10.97 7.01 34.81
N ALA C 64 11.05 8.35 35.03
CA ALA C 64 12.29 9.08 34.67
C ALA C 64 13.48 8.53 35.42
N GLU C 65 13.26 8.23 36.70
CA GLU C 65 14.34 7.70 37.52
C GLU C 65 14.74 6.32 37.07
N LYS C 66 13.79 5.48 36.74
CA LYS C 66 14.07 4.14 36.15
C LYS C 66 14.88 4.23 34.89
N ILE C 67 14.50 5.13 33.96
CA ILE C 67 15.30 5.32 32.78
C ILE C 67 16.72 5.69 33.14
N ALA C 68 16.89 6.66 34.04
CA ALA C 68 18.28 7.12 34.41
C ALA C 68 19.09 5.96 34.94
N GLU C 69 18.46 5.11 35.72
CA GLU C 69 19.10 3.93 36.33
C GLU C 69 19.49 2.90 35.28
N THR C 70 18.63 2.74 34.28
CA THR C 70 18.92 1.85 33.16
C THR C 70 20.07 2.38 32.31
N LEU C 71 20.12 3.68 32.04
CA LEU C 71 21.16 4.25 31.24
C LEU C 71 22.50 4.08 32.03
N LYS C 72 22.46 4.40 33.31
CA LYS C 72 23.65 4.24 34.19
C LYS C 72 24.20 2.85 34.15
N ALA C 73 23.33 1.87 34.33
CA ALA C 73 23.75 0.50 34.34
C ALA C 73 24.44 0.09 33.04
N ASN C 74 24.13 0.77 31.95
CA ASN C 74 24.63 0.38 30.66
C ASN C 74 25.71 1.31 30.14
N GLY C 75 26.15 2.22 30.99
CA GLY C 75 27.21 3.15 30.62
C GLY C 75 26.87 4.17 29.56
N VAL C 76 25.59 4.56 29.46
CA VAL C 76 25.13 5.55 28.48
C VAL C 76 24.97 6.93 29.12
N GLU C 77 25.56 7.98 28.53
CA GLU C 77 25.41 9.33 28.97
C GLU C 77 23.98 9.79 28.56
N GLY C 78 23.34 10.56 29.43
CA GLY C 78 22.05 11.19 29.14
C GLY C 78 21.24 11.32 30.41
N ALA C 79 19.92 11.16 30.28
CA ALA C 79 19.04 11.47 31.39
C ALA C 79 17.68 10.80 31.16
N GLY C 80 16.98 10.59 32.25
CA GLY C 80 15.56 10.28 32.23
C GLY C 80 14.82 11.53 32.64
N LEU C 81 13.82 11.90 31.85
CA LEU C 81 13.06 13.16 32.08
C LEU C 81 11.58 12.86 31.94
N VAL C 82 10.76 13.69 32.56
CA VAL C 82 9.34 13.64 32.41
C VAL C 82 8.91 14.46 31.20
N LEU C 83 8.13 13.87 30.30
CA LEU C 83 7.58 14.55 29.10
C LEU C 83 6.22 13.94 28.84
N ASP C 84 5.23 14.76 28.61
CA ASP C 84 3.91 14.35 28.18
C ASP C 84 3.59 14.89 26.79
N VAL C 85 3.70 14.03 25.80
CA VAL C 85 3.63 14.48 24.43
C VAL C 85 2.25 14.90 24.06
N SER C 86 1.27 14.68 24.95
CA SER C 86 -0.09 15.16 24.69
C SER C 86 -0.31 16.61 25.08
N SER C 87 0.67 17.21 25.74
CA SER C 87 0.60 18.54 26.29
C SER C 87 1.51 19.55 25.66
N ASP C 88 0.91 20.61 25.06
CA ASP C 88 1.78 21.64 24.49
C ASP C 88 2.76 22.21 25.49
N GLU C 89 2.28 22.48 26.72
CA GLU C 89 3.08 23.00 27.79
C GLU C 89 4.19 22.13 28.13
N SER C 90 3.92 20.84 28.26
CA SER C 90 4.98 19.89 28.62
C SER C 90 6.06 19.80 27.51
N VAL C 91 5.63 19.74 26.26
CA VAL C 91 6.58 19.64 25.16
C VAL C 91 7.46 20.88 25.07
N ALA C 92 6.87 22.04 25.16
CA ALA C 92 7.68 23.29 25.09
C ALA C 92 8.65 23.46 26.20
N ALA C 93 8.12 23.26 27.41
CA ALA C 93 8.96 23.40 28.61
C ALA C 93 10.10 22.40 28.68
N THR C 94 9.81 21.13 28.37
CA THR C 94 10.78 20.09 28.39
C THR C 94 11.90 20.26 27.33
N LEU C 95 11.48 20.65 26.13
CA LEU C 95 12.43 20.88 25.06
CA LEU C 95 12.46 20.87 25.07
C LEU C 95 13.40 22.02 25.45
N GLU C 96 12.84 23.03 26.09
CA GLU C 96 13.69 24.16 26.55
C GLU C 96 14.62 23.72 27.56
N HIS C 97 14.15 22.91 28.50
CA HIS C 97 15.02 22.39 29.47
C HIS C 97 16.16 21.54 28.89
N ILE C 98 15.88 20.66 27.92
CA ILE C 98 16.88 19.86 27.27
C ILE C 98 17.92 20.76 26.56
N GLN C 99 17.42 21.76 25.86
CA GLN C 99 18.29 22.65 25.09
C GLN C 99 19.26 23.34 26.06
N GLN C 100 18.79 23.69 27.24
CA GLN C 100 19.65 24.43 28.18
C GLN C 100 20.66 23.52 28.85
N HIS C 101 20.30 22.28 29.17
CA HIS C 101 21.16 21.42 29.96
C HIS C 101 21.94 20.39 29.21
N LEU C 102 21.43 19.96 28.03
CA LEU C 102 22.06 18.86 27.29
C LEU C 102 22.40 19.20 25.86
N GLY C 103 21.55 19.97 25.18
CA GLY C 103 21.78 20.39 23.84
C GLY C 103 20.55 20.10 22.98
N GLN C 104 20.62 20.40 21.72
CA GLN C 104 19.47 20.32 20.82
C GLN C 104 19.25 18.91 20.36
N PRO C 105 18.07 18.30 20.56
CA PRO C 105 17.92 16.93 20.08
C PRO C 105 17.84 16.88 18.57
N LEU C 106 18.72 16.13 17.95
CA LEU C 106 18.75 16.04 16.50
C LEU C 106 18.28 14.67 16.06
N ILE C 107 18.07 13.75 16.98
CA ILE C 107 17.45 12.43 16.73
C ILE C 107 16.25 12.39 17.66
N VAL C 108 15.05 12.18 17.12
CA VAL C 108 13.84 12.12 17.99
C VAL C 108 13.07 10.89 17.58
N VAL C 109 12.84 10.01 18.54
CA VAL C 109 12.13 8.78 18.35
C VAL C 109 10.82 8.88 19.12
N ASN C 110 9.71 8.88 18.38
CA ASN C 110 8.38 8.96 18.95
C ASN C 110 7.91 7.55 19.22
N ASN C 111 7.96 7.16 20.50
CA ASN C 111 7.54 5.85 20.97
C ASN C 111 6.50 5.91 22.07
N ALA C 112 6.30 7.07 22.64
CA ALA C 112 5.22 7.28 23.66
C ALA C 112 3.89 7.40 22.92
N GLY C 113 2.90 6.68 23.41
CA GLY C 113 1.60 6.84 22.87
C GLY C 113 0.59 6.87 24.00
N ILE C 114 -0.65 7.13 23.59
CA ILE C 114 -1.85 6.47 24.15
C ILE C 114 -2.33 5.21 23.35
N THR C 115 -3.11 4.36 24.05
CA THR C 115 -3.86 3.22 23.49
C THR C 115 -5.33 3.33 23.95
N ASP C 126 -15.26 4.46 20.43
CA ASP C 126 -14.53 5.45 19.64
C ASP C 126 -13.01 5.18 19.61
N GLU C 127 -12.59 4.03 20.11
CA GLU C 127 -11.18 3.74 20.22
C GLU C 127 -10.56 3.66 18.86
N TRP C 128 -11.29 3.12 17.89
CA TRP C 128 -10.83 2.96 16.51
C TRP C 128 -10.37 4.28 15.87
N PHE C 129 -10.92 5.41 16.33
CA PHE C 129 -10.58 6.74 15.86
C PHE C 129 -9.66 7.45 16.82
N ASP C 130 -10.02 7.47 18.10
CA ASP C 130 -9.30 8.29 19.05
C ASP C 130 -7.89 7.91 19.27
N VAL C 131 -7.55 6.61 19.22
CA VAL C 131 -6.16 6.21 19.42
C VAL C 131 -5.24 6.74 18.32
N VAL C 132 -5.64 6.53 17.07
CA VAL C 132 -4.85 7.03 15.97
C VAL C 132 -4.86 8.54 15.96
N ASN C 133 -6.04 9.16 16.06
CA ASN C 133 -6.11 10.63 16.03
C ASN C 133 -5.24 11.31 17.13
N THR C 134 -5.42 10.83 18.37
CA THR C 134 -4.65 11.44 19.44
C THR C 134 -3.18 11.28 19.19
N ASN C 135 -2.78 10.10 18.77
CA ASN C 135 -1.36 9.80 18.64
C ASN C 135 -0.70 10.51 17.47
N LEU C 136 -1.41 10.69 16.36
CA LEU C 136 -0.83 11.50 15.27
C LEU C 136 -0.75 12.93 15.68
N ASN C 137 -1.72 13.45 16.47
CA ASN C 137 -1.64 14.83 16.91
C ASN C 137 -0.39 15.01 17.77
N SER C 138 -0.08 14.00 18.58
CA SER C 138 1.14 14.03 19.45
C SER C 138 2.40 13.93 18.64
N LEU C 139 2.47 13.07 17.63
CA LEU C 139 3.63 13.06 16.77
C LEU C 139 3.83 14.39 16.14
N TYR C 140 2.77 15.06 15.70
CA TYR C 140 2.91 16.34 15.00
C TYR C 140 3.44 17.40 15.98
N ARG C 141 2.89 17.42 17.17
CA ARG C 141 3.28 18.39 18.20
C ARG C 141 4.75 18.27 18.53
N LEU C 142 5.20 17.07 18.79
CA LEU C 142 6.63 16.96 19.15
C LEU C 142 7.51 17.21 17.98
N SER C 143 7.13 16.67 16.81
CA SER C 143 7.96 16.82 15.63
C SER C 143 8.13 18.32 15.26
N LYS C 144 7.04 19.09 15.25
CA LYS C 144 7.13 20.52 14.98
C LYS C 144 8.01 21.24 16.04
N ALA C 145 7.95 20.82 17.29
CA ALA C 145 8.77 21.44 18.28
C ALA C 145 10.24 21.32 18.05
N VAL C 146 10.70 20.17 17.58
CA VAL C 146 12.09 19.90 17.46
C VAL C 146 12.67 20.34 16.16
N LEU C 147 11.80 20.76 15.24
CA LEU C 147 12.26 21.10 13.90
C LEU C 147 13.13 22.36 13.80
N ARG C 148 12.94 23.34 14.68
CA ARG C 148 13.77 24.50 14.71
C ARG C 148 15.22 24.18 14.88
N GLY C 149 15.54 23.35 15.86
CA GLY C 149 16.86 22.95 16.12
C GLY C 149 17.50 22.16 15.02
N MET C 150 16.73 21.25 14.41
CA MET C 150 17.25 20.50 13.34
C MET C 150 17.46 21.39 12.12
N THR C 151 16.57 22.36 11.93
CA THR C 151 16.66 23.30 10.78
C THR C 151 17.94 24.11 10.93
N LYS C 152 18.23 24.58 12.13
CA LYS C 152 19.52 25.27 12.40
C LYS C 152 20.73 24.42 12.15
N ALA C 153 20.66 23.14 12.53
CA ALA C 153 21.76 22.22 12.32
C ALA C 153 21.82 21.73 10.85
N ARG C 154 20.75 21.93 10.10
CA ARG C 154 20.58 21.37 8.76
C ARG C 154 20.83 19.87 8.79
N TRP C 155 20.30 19.18 9.84
CA TRP C 155 20.40 17.73 9.90
C TRP C 155 19.38 17.29 10.96
N GLY C 156 18.72 16.18 10.72
CA GLY C 156 17.87 15.64 11.75
C GLY C 156 17.35 14.28 11.34
N ARG C 157 16.86 13.57 12.34
CA ARG C 157 16.24 12.25 12.21
C ARG C 157 15.01 12.22 13.10
N ILE C 158 13.88 11.98 12.48
CA ILE C 158 12.63 11.75 13.22
C ILE C 158 12.15 10.37 12.87
N ILE C 159 11.90 9.54 13.85
CA ILE C 159 11.53 8.13 13.66
C ILE C 159 10.30 7.84 14.49
N ASN C 160 9.23 7.47 13.82
CA ASN C 160 7.96 7.18 14.46
C ASN C 160 7.72 5.68 14.67
N ILE C 161 7.47 5.23 15.91
CA ILE C 161 7.26 3.80 16.18
C ILE C 161 5.74 3.55 16.11
N GLY C 162 5.38 2.57 15.36
CA GLY C 162 4.01 2.30 15.03
C GLY C 162 3.19 1.98 16.20
N SER C 163 3.80 1.48 17.23
CA SER C 163 3.06 1.39 18.55
CA SER C 163 3.03 1.36 18.52
C SER C 163 2.17 2.60 18.94
N VAL C 164 2.59 3.82 18.63
CA VAL C 164 1.94 5.02 19.13
C VAL C 164 0.53 5.18 18.65
N VAL C 165 0.22 4.62 17.46
CA VAL C 165 -1.14 4.70 16.88
C VAL C 165 -1.80 3.29 16.94
N GLY C 166 -1.08 2.32 17.51
CA GLY C 166 -1.50 0.92 17.44
C GLY C 166 -1.08 0.19 16.15
N ALA C 167 -0.16 0.73 15.34
CA ALA C 167 0.38 0.01 14.16
C ALA C 167 1.56 -0.88 14.66
N MET C 168 1.20 -1.71 15.64
CA MET C 168 2.06 -2.65 16.30
C MET C 168 1.27 -3.96 16.58
N GLY C 169 1.83 -5.12 16.22
CA GLY C 169 1.06 -6.39 16.25
C GLY C 169 0.51 -6.60 17.65
N ASN C 170 1.32 -6.28 18.65
CA ASN C 170 0.90 -6.40 20.06
C ASN C 170 -0.35 -5.59 20.45
N ALA C 171 -0.55 -4.43 19.82
CA ALA C 171 -1.83 -3.65 19.93
C ALA C 171 -2.99 -4.38 19.21
N GLY C 172 -2.66 -5.38 18.41
CA GLY C 172 -3.71 -6.25 17.95
C GLY C 172 -4.10 -6.02 16.51
N GLN C 173 -4.64 -7.07 15.92
CA GLN C 173 -4.97 -7.09 14.53
C GLN C 173 -6.06 -6.06 14.18
N THR C 174 -7.00 -5.81 15.10
CA THR C 174 -8.25 -5.15 14.68
C THR C 174 -8.03 -3.76 14.02
N ASN C 175 -7.22 -2.94 14.67
CA ASN C 175 -6.95 -1.57 14.24
C ASN C 175 -5.73 -1.52 13.26
N TYR C 176 -5.01 -2.64 13.13
CA TYR C 176 -3.61 -2.47 12.64
C TYR C 176 -3.44 -1.79 11.29
N ALA C 177 -4.07 -2.31 10.26
CA ALA C 177 -3.72 -1.91 8.88
C ALA C 177 -4.23 -0.48 8.62
N ALA C 178 -5.41 -0.18 9.16
CA ALA C 178 -5.96 1.17 8.98
C ALA C 178 -5.05 2.17 9.70
N ALA C 179 -4.63 1.83 10.92
CA ALA C 179 -3.71 2.68 11.67
C ALA C 179 -2.33 2.82 10.93
N LYS C 180 -1.82 1.74 10.41
CA LYS C 180 -0.51 1.81 9.73
C LYS C 180 -0.67 2.73 8.52
N ALA C 181 -1.82 2.69 7.85
CA ALA C 181 -2.05 3.56 6.69
C ALA C 181 -2.01 5.05 7.12
N GLY C 182 -2.65 5.37 8.19
CA GLY C 182 -2.45 6.70 8.80
C GLY C 182 -1.00 7.08 9.08
N LEU C 183 -0.30 6.23 9.82
CA LEU C 183 1.10 6.45 10.25
C LEU C 183 1.90 6.63 8.97
N GLU C 184 1.70 5.77 8.01
CA GLU C 184 2.51 5.84 6.76
C GLU C 184 2.32 7.14 6.03
N GLY C 185 1.00 7.54 5.87
CA GLY C 185 0.75 8.77 5.17
C GLY C 185 1.27 9.98 5.91
N PHE C 186 1.09 10.01 7.21
CA PHE C 186 1.57 11.11 8.03
C PHE C 186 3.12 11.24 7.92
N THR C 187 3.78 10.11 8.02
CA THR C 187 5.28 10.06 7.98
C THR C 187 5.77 10.54 6.60
N ARG C 188 5.14 10.08 5.53
CA ARG C 188 5.52 10.49 4.20
C ARG C 188 5.30 12.01 3.97
N ALA C 189 4.19 12.54 4.46
CA ALA C 189 3.91 13.98 4.34
C ALA C 189 4.88 14.84 5.10
N LEU C 190 5.16 14.46 6.36
CA LEU C 190 6.13 15.22 7.12
C LEU C 190 7.53 15.12 6.51
N ALA C 191 7.91 13.95 5.99
CA ALA C 191 9.15 13.84 5.28
C ALA C 191 9.25 14.80 4.09
N ARG C 192 8.17 14.95 3.35
CA ARG C 192 8.13 15.88 2.21
C ARG C 192 8.30 17.29 2.66
N GLU C 193 7.64 17.62 3.72
CA GLU C 193 7.66 18.98 4.30
C GLU C 193 9.04 19.42 4.75
N VAL C 194 9.79 18.52 5.37
CA VAL C 194 11.06 18.89 6.03
C VAL C 194 12.34 18.42 5.33
N GLY C 195 12.20 17.75 4.18
CA GLY C 195 13.31 17.16 3.50
C GLY C 195 14.35 18.17 2.97
N SER C 196 13.89 19.34 2.60
CA SER C 196 14.87 20.29 2.02
C SER C 196 15.92 20.67 3.06
N ARG C 197 15.59 20.49 4.36
CA ARG C 197 16.52 20.73 5.47
C ARG C 197 17.44 19.61 5.92
N ALA C 198 17.49 18.51 5.16
CA ALA C 198 18.25 17.35 5.40
C ALA C 198 17.81 16.70 6.73
N ILE C 199 16.51 16.75 6.99
CA ILE C 199 15.88 16.03 8.10
C ILE C 199 15.13 14.86 7.44
N THR C 200 15.40 13.61 7.88
CA THR C 200 14.63 12.53 7.45
C THR C 200 13.55 12.17 8.49
N VAL C 201 12.45 11.59 7.97
CA VAL C 201 11.27 11.21 8.77
C VAL C 201 10.87 9.86 8.31
N ASN C 202 10.92 8.86 9.20
CA ASN C 202 10.64 7.49 8.89
C ASN C 202 9.79 6.86 10.00
N ALA C 203 9.22 5.71 9.72
CA ALA C 203 8.44 4.97 10.73
C ALA C 203 8.89 3.52 10.71
N VAL C 204 8.74 2.89 11.85
CA VAL C 204 9.00 1.45 12.04
C VAL C 204 7.69 0.87 12.50
N ALA C 205 7.21 -0.16 11.82
CA ALA C 205 5.96 -0.83 12.19
C ALA C 205 6.28 -2.22 12.75
N PRO C 206 6.28 -2.37 14.06
CA PRO C 206 6.56 -3.70 14.59
C PRO C 206 5.42 -4.64 14.46
N GLY C 207 5.78 -5.90 14.39
CA GLY C 207 4.82 -7.01 14.44
C GLY C 207 4.58 -7.42 15.88
N PHE C 208 4.57 -8.70 16.10
CA PHE C 208 4.43 -9.24 17.46
C PHE C 208 5.74 -9.34 18.15
N ILE C 209 5.87 -8.63 19.25
CA ILE C 209 7.13 -8.48 19.89
C ILE C 209 7.04 -9.20 21.26
N ASP C 210 8.13 -9.80 21.69
CA ASP C 210 8.23 -10.68 22.91
C ASP C 210 8.21 -9.77 24.12
N THR C 211 7.14 -9.88 24.89
CA THR C 211 6.97 -9.07 26.07
C THR C 211 6.35 -9.99 27.10
N ASP C 212 6.21 -9.50 28.32
CA ASP C 212 5.45 -10.23 29.34
C ASP C 212 4.08 -10.56 28.83
N MET C 213 3.46 -9.61 28.12
CA MET C 213 2.09 -9.81 27.65
C MET C 213 1.98 -10.97 26.65
N THR C 214 2.85 -11.02 25.63
CA THR C 214 2.76 -12.16 24.69
C THR C 214 3.32 -13.41 25.30
N ARG C 215 4.24 -13.30 26.25
CA ARG C 215 4.72 -14.51 26.92
C ARG C 215 3.72 -15.14 27.86
N GLU C 216 2.76 -14.35 28.33
CA GLU C 216 1.79 -14.88 29.28
C GLU C 216 0.59 -15.39 28.55
N LEU C 217 0.67 -15.46 27.22
CA LEU C 217 -0.38 -16.11 26.47
C LEU C 217 -0.40 -17.64 26.81
N PRO C 218 -1.59 -18.26 26.82
CA PRO C 218 -1.64 -19.75 26.88
C PRO C 218 -0.94 -20.36 25.68
N GLU C 219 -0.36 -21.55 25.85
CA GLU C 219 0.35 -22.27 24.79
C GLU C 219 -0.38 -22.34 23.44
N ALA C 220 -1.66 -22.71 23.48
CA ALA C 220 -2.45 -22.82 22.25
C ALA C 220 -2.52 -21.49 21.49
N GLN C 221 -2.64 -20.41 22.24
CA GLN C 221 -2.81 -19.07 21.71
C GLN C 221 -1.46 -18.58 21.16
N ARG C 222 -0.38 -18.80 21.92
CA ARG C 222 0.98 -18.52 21.42
C ARG C 222 1.27 -19.32 20.15
N GLU C 223 0.86 -20.60 20.10
CA GLU C 223 1.08 -21.43 18.92
C GLU C 223 0.33 -20.91 17.69
N ALA C 224 -0.91 -20.54 17.89
CA ALA C 224 -1.71 -19.95 16.83
C ALA C 224 -1.08 -18.68 16.33
N LEU C 225 -0.56 -17.89 17.26
CA LEU C 225 0.07 -16.66 16.86
C LEU C 225 1.35 -16.92 16.05
N LEU C 226 2.18 -17.80 16.56
CA LEU C 226 3.42 -18.09 15.87
C LEU C 226 3.15 -18.67 14.49
N GLY C 227 2.00 -19.32 14.30
CA GLY C 227 1.65 -19.85 12.99
C GLY C 227 1.34 -18.84 11.95
N GLN C 228 1.10 -17.62 12.38
CA GLN C 228 0.88 -16.53 11.46
C GLN C 228 2.18 -15.78 11.11
N ILE C 229 3.29 -16.19 11.75
CA ILE C 229 4.54 -15.51 11.57
C ILE C 229 5.51 -16.44 10.86
N PRO C 230 5.91 -16.13 9.63
CA PRO C 230 6.88 -17.00 8.90
C PRO C 230 8.15 -17.31 9.64
N LEU C 231 8.71 -16.35 10.36
CA LEU C 231 9.92 -16.62 11.12
C LEU C 231 9.64 -17.55 12.33
N GLY C 232 8.38 -17.73 12.68
CA GLY C 232 8.03 -18.72 13.72
C GLY C 232 8.41 -18.33 15.12
N ARG C 233 8.60 -17.01 15.36
CA ARG C 233 9.00 -16.53 16.65
C ARG C 233 8.58 -15.10 16.81
N LEU C 234 8.40 -14.69 18.04
CA LEU C 234 8.13 -13.27 18.37
C LEU C 234 9.44 -12.52 18.13
N GLY C 235 9.30 -11.23 17.77
CA GLY C 235 10.45 -10.41 17.62
C GLY C 235 10.98 -9.94 18.95
N GLN C 236 12.25 -9.68 19.04
CA GLN C 236 12.81 -9.06 20.27
C GLN C 236 12.75 -7.56 20.20
N ALA C 237 12.56 -6.91 21.34
CA ALA C 237 12.60 -5.44 21.35
C ALA C 237 13.87 -4.94 20.73
N GLU C 238 15.00 -5.60 20.97
CA GLU C 238 16.31 -5.19 20.42
C GLU C 238 16.32 -5.19 18.86
N GLU C 239 15.56 -6.08 18.29
CA GLU C 239 15.40 -6.19 16.82
C GLU C 239 14.62 -5.00 16.27
N ILE C 240 13.71 -4.38 16.98
CA ILE C 240 13.14 -3.14 16.55
C ILE C 240 14.15 -2.03 16.74
N ALA C 241 14.86 -2.03 17.88
CA ALA C 241 15.87 -1.00 18.17
C ALA C 241 16.99 -0.95 17.12
N LYS C 242 17.40 -2.08 16.62
CA LYS C 242 18.49 -2.04 15.64
C LYS C 242 18.05 -1.38 14.36
N VAL C 243 16.83 -1.55 13.97
CA VAL C 243 16.33 -0.86 12.75
C VAL C 243 16.29 0.64 12.99
N VAL C 244 15.76 1.02 14.18
CA VAL C 244 15.73 2.46 14.50
C VAL C 244 17.12 3.07 14.54
N GLY C 245 18.08 2.38 15.14
CA GLY C 245 19.43 2.78 15.13
C GLY C 245 20.01 3.00 13.74
N PHE C 246 19.70 2.11 12.85
CA PHE C 246 20.14 2.28 11.49
C PHE C 246 19.54 3.54 10.84
N LEU C 247 18.25 3.72 10.98
CA LEU C 247 17.59 4.89 10.43
C LEU C 247 18.13 6.15 10.97
N ALA C 248 18.64 6.12 12.21
CA ALA C 248 19.25 7.34 12.83
C ALA C 248 20.62 7.66 12.35
N SER C 249 21.22 6.71 11.64
CA SER C 249 22.58 6.81 11.23
C SER C 249 22.79 7.66 9.95
N ASP C 250 24.02 8.05 9.68
CA ASP C 250 24.36 8.67 8.40
CA ASP C 250 24.39 8.69 8.41
C ASP C 250 24.13 7.82 7.18
N GLY C 251 24.26 6.54 7.35
CA GLY C 251 24.08 5.59 6.20
C GLY C 251 22.66 5.56 5.70
N ALA C 252 21.71 6.00 6.57
CA ALA C 252 20.35 6.01 6.15
C ALA C 252 19.92 7.44 5.66
N ALA C 253 20.84 8.29 5.26
CA ALA C 253 20.50 9.64 4.89
C ALA C 253 19.53 9.76 3.71
N TYR C 254 19.47 8.77 2.83
CA TYR C 254 18.58 8.91 1.67
C TYR C 254 17.28 8.16 1.87
N VAL C 255 17.11 7.58 3.07
CA VAL C 255 15.85 6.94 3.36
C VAL C 255 14.96 7.97 4.13
N THR C 256 13.87 8.33 3.50
CA THR C 256 12.94 9.26 4.13
C THR C 256 11.54 9.02 3.58
N GLY C 257 10.57 9.24 4.45
CA GLY C 257 9.17 8.97 4.18
C GLY C 257 8.75 7.51 4.19
N ALA C 258 9.65 6.64 4.66
CA ALA C 258 9.46 5.20 4.65
C ALA C 258 8.86 4.70 5.92
N THR C 259 8.02 3.67 5.77
CA THR C 259 7.52 2.90 6.94
C THR C 259 8.11 1.49 6.80
N VAL C 260 9.03 1.15 7.68
CA VAL C 260 9.76 -0.16 7.58
C VAL C 260 9.00 -1.18 8.47
N PRO C 261 8.39 -2.22 7.88
CA PRO C 261 7.72 -3.25 8.74
C PRO C 261 8.80 -4.14 9.35
N VAL C 262 8.68 -4.48 10.65
CA VAL C 262 9.63 -5.34 11.29
C VAL C 262 8.77 -6.40 12.03
N ASN C 263 8.41 -7.42 11.31
CA ASN C 263 7.29 -8.26 11.69
C ASN C 263 7.47 -9.72 11.36
N GLY C 264 8.66 -10.13 11.01
CA GLY C 264 8.91 -11.55 10.82
C GLY C 264 8.17 -12.14 9.66
N GLY C 265 7.58 -11.31 8.78
CA GLY C 265 6.83 -11.69 7.64
C GLY C 265 5.33 -11.84 7.83
N MET C 266 4.86 -11.36 8.96
N MET C 266 4.86 -11.46 8.99
CA MET C 266 3.42 -11.33 9.27
CA MET C 266 3.48 -11.92 9.43
C MET C 266 2.96 -9.91 8.91
C MET C 266 2.40 -11.63 8.40
N TYR C 267 2.21 -9.80 7.83
N TYR C 267 1.44 -12.55 8.33
CA TYR C 267 1.75 -8.48 7.36
CA TYR C 267 0.18 -12.34 7.62
C TYR C 267 0.24 -8.42 7.48
C TYR C 267 -0.74 -11.32 8.26
N MET C 268 -0.23 -7.66 8.42
N MET C 268 -1.52 -10.62 7.43
CA MET C 268 -1.68 -7.57 8.61
CA MET C 268 -2.55 -9.71 7.94
C MET C 268 -2.16 -6.37 7.85
C MET C 268 -3.98 -9.96 7.40
N SER C 269 -3.30 -6.58 7.19
N SER C 269 -4.95 -9.18 7.90
CA SER C 269 -3.92 -5.62 6.30
CA SER C 269 -6.38 -9.62 8.22
C SER C 269 -5.38 -5.40 6.70
C SER C 269 -7.64 -9.46 7.33
N LEU D 18 -43.36 -5.56 -2.41
CA LEU D 18 -42.08 -4.82 -2.29
C LEU D 18 -41.50 -4.57 -3.71
N TYR D 19 -40.36 -3.87 -3.74
CA TYR D 19 -39.72 -3.38 -4.95
C TYR D 19 -38.33 -3.90 -4.88
N PHE D 20 -37.78 -4.30 -6.01
CA PHE D 20 -36.46 -4.89 -6.02
C PHE D 20 -35.84 -4.82 -7.40
N GLN D 21 -35.01 -3.79 -7.56
CA GLN D 21 -34.43 -3.48 -8.80
C GLN D 21 -33.00 -3.04 -8.62
N SER D 22 -32.16 -3.50 -9.52
CA SER D 22 -30.76 -3.20 -9.40
C SER D 22 -30.65 -1.66 -9.48
N MET D 23 -29.72 -1.12 -8.73
CA MET D 23 -29.39 0.31 -8.78
C MET D 23 -30.41 1.20 -8.16
N SER D 24 -31.58 0.71 -7.81
CA SER D 24 -32.59 1.67 -7.36
C SER D 24 -32.33 2.08 -5.96
N LEU D 25 -32.44 3.37 -5.67
CA LEU D 25 -32.45 3.84 -4.30
C LEU D 25 -33.84 4.36 -3.87
N GLN D 26 -34.87 3.89 -4.53
CA GLN D 26 -36.23 4.23 -4.09
C GLN D 26 -36.53 3.87 -2.64
N GLY D 27 -37.08 4.82 -1.92
CA GLY D 27 -37.41 4.65 -0.51
C GLY D 27 -36.29 5.00 0.43
N LYS D 28 -35.16 5.42 -0.12
CA LYS D 28 -34.01 5.76 0.73
C LYS D 28 -33.84 7.28 0.76
N VAL D 29 -33.39 7.76 1.90
CA VAL D 29 -33.07 9.14 2.11
C VAL D 29 -31.51 9.23 2.13
N ALA D 30 -31.02 10.12 1.31
CA ALA D 30 -29.56 10.34 1.18
C ALA D 30 -29.18 11.75 1.63
N LEU D 31 -28.13 11.85 2.44
CA LEU D 31 -27.59 13.13 2.84
C LEU D 31 -26.28 13.33 2.11
N VAL D 32 -26.13 14.41 1.36
CA VAL D 32 -24.91 14.68 0.64
C VAL D 32 -24.37 15.98 1.13
N THR D 33 -23.26 15.91 1.85
CA THR D 33 -22.67 17.22 2.38
C THR D 33 -21.83 17.86 1.28
N GLY D 34 -21.80 19.18 1.26
CA GLY D 34 -21.08 19.86 0.27
C GLY D 34 -21.65 19.72 -1.10
N ALA D 35 -22.98 19.88 -1.21
CA ALA D 35 -23.71 19.65 -2.48
C ALA D 35 -24.00 20.82 -3.40
N SER D 36 -23.48 22.00 -3.07
CA SER D 36 -23.89 23.17 -3.87
C SER D 36 -23.23 23.39 -5.21
N ARG D 37 -22.14 22.69 -5.46
CA ARG D 37 -21.44 22.82 -6.73
C ARG D 37 -20.62 21.58 -6.99
N GLY D 38 -20.09 21.49 -8.21
CA GLY D 38 -19.06 20.53 -8.54
C GLY D 38 -19.46 19.08 -8.28
N ILE D 39 -18.51 18.39 -7.69
CA ILE D 39 -18.70 16.99 -7.38
C ILE D 39 -19.94 16.76 -6.51
N GLY D 40 -20.12 17.52 -5.45
CA GLY D 40 -21.20 17.27 -4.57
C GLY D 40 -22.55 17.42 -5.25
N GLN D 41 -22.64 18.45 -6.08
CA GLN D 41 -23.92 18.67 -6.83
C GLN D 41 -24.15 17.46 -7.71
N ALA D 42 -23.14 17.02 -8.42
CA ALA D 42 -23.27 15.85 -9.37
C ALA D 42 -23.69 14.60 -8.65
N ILE D 43 -23.17 14.39 -7.42
CA ILE D 43 -23.59 13.29 -6.56
C ILE D 43 -25.04 13.37 -6.14
N ALA D 44 -25.48 14.60 -5.71
CA ALA D 44 -26.84 14.77 -5.30
C ALA D 44 -27.79 14.46 -6.48
N LEU D 45 -27.44 14.89 -7.65
CA LEU D 45 -28.32 14.67 -8.81
C LEU D 45 -28.31 13.21 -9.24
N GLU D 46 -27.17 12.54 -9.14
CA GLU D 46 -27.14 11.08 -9.42
C GLU D 46 -27.98 10.28 -8.44
N LEU D 47 -27.81 10.47 -7.14
CA LEU D 47 -28.58 9.80 -6.18
C LEU D 47 -30.09 10.03 -6.45
N GLY D 48 -30.41 11.26 -6.77
CA GLY D 48 -31.80 11.62 -7.09
C GLY D 48 -32.28 10.88 -8.30
N ARG D 49 -31.47 10.78 -9.34
CA ARG D 49 -31.81 10.05 -10.56
C ARG D 49 -32.12 8.62 -10.25
N LEU D 50 -31.42 8.07 -9.27
CA LEU D 50 -31.61 6.66 -8.85
C LEU D 50 -32.78 6.41 -7.96
N GLY D 51 -33.45 7.49 -7.56
CA GLY D 51 -34.67 7.45 -6.80
C GLY D 51 -34.62 7.81 -5.35
N ALA D 52 -33.45 8.25 -4.85
CA ALA D 52 -33.39 8.70 -3.48
C ALA D 52 -34.06 10.04 -3.28
N VAL D 53 -34.55 10.20 -2.08
CA VAL D 53 -34.90 11.56 -1.55
C VAL D 53 -33.56 12.15 -1.06
N VAL D 54 -33.18 13.27 -1.63
CA VAL D 54 -31.80 13.81 -1.40
C VAL D 54 -31.82 15.07 -0.55
N ILE D 55 -31.10 15.05 0.54
CA ILE D 55 -30.86 16.29 1.32
C ILE D 55 -29.44 16.69 1.02
N GLY D 56 -29.25 17.80 0.36
CA GLY D 56 -27.90 18.35 0.10
C GLY D 56 -27.60 19.45 1.06
N THR D 57 -26.36 19.56 1.49
CA THR D 57 -26.02 20.63 2.46
C THR D 57 -24.91 21.54 1.98
N ALA D 58 -24.94 22.77 2.54
CA ALA D 58 -23.92 23.79 2.30
C ALA D 58 -23.72 24.47 3.68
N THR D 59 -22.62 25.18 3.76
CA THR D 59 -22.31 25.92 5.01
C THR D 59 -23.04 27.25 5.08
N SER D 60 -23.68 27.66 4.03
CA SER D 60 -24.40 28.96 3.96
C SER D 60 -25.84 28.81 3.51
N ALA D 61 -26.64 29.78 3.88
CA ALA D 61 -28.01 29.82 3.46
C ALA D 61 -28.10 29.91 1.94
N SER D 62 -27.24 30.69 1.33
CA SER D 62 -27.31 30.85 -0.14
C SER D 62 -27.00 29.51 -0.83
N GLY D 63 -26.00 28.81 -0.31
CA GLY D 63 -25.73 27.48 -0.84
C GLY D 63 -26.88 26.55 -0.70
N ALA D 64 -27.56 26.56 0.44
CA ALA D 64 -28.66 25.67 0.69
C ALA D 64 -29.76 25.98 -0.32
N GLU D 65 -29.97 27.28 -0.57
CA GLU D 65 -31.02 27.67 -1.49
C GLU D 65 -30.71 27.21 -2.91
N LYS D 66 -29.47 27.34 -3.30
CA LYS D 66 -28.98 26.86 -4.61
C LYS D 66 -29.20 25.36 -4.73
N ILE D 67 -28.87 24.60 -3.69
CA ILE D 67 -29.16 23.17 -3.67
C ILE D 67 -30.67 22.89 -3.92
N ALA D 68 -31.53 23.55 -3.15
CA ALA D 68 -32.95 23.30 -3.24
C ALA D 68 -33.46 23.58 -4.62
N GLU D 69 -32.99 24.67 -5.20
CA GLU D 69 -33.42 25.02 -6.53
C GLU D 69 -32.94 24.01 -7.55
N THR D 70 -31.69 23.55 -7.38
CA THR D 70 -31.11 22.59 -8.30
C THR D 70 -31.84 21.29 -8.26
N LEU D 71 -32.24 20.86 -7.07
CA LEU D 71 -32.97 19.59 -6.94
C LEU D 71 -34.34 19.71 -7.59
N LYS D 72 -35.01 20.82 -7.30
CA LYS D 72 -36.32 21.09 -7.97
C LYS D 72 -36.24 21.08 -9.48
N ALA D 73 -35.28 21.76 -10.03
CA ALA D 73 -35.16 21.91 -11.45
C ALA D 73 -35.01 20.54 -12.11
N ASN D 74 -34.41 19.59 -11.39
CA ASN D 74 -34.08 18.28 -11.92
C ASN D 74 -35.07 17.21 -11.50
N GLY D 75 -36.16 17.61 -10.88
CA GLY D 75 -37.20 16.68 -10.45
C GLY D 75 -36.82 15.71 -9.37
N VAL D 76 -35.86 16.12 -8.53
CA VAL D 76 -35.50 15.34 -7.38
C VAL D 76 -36.17 15.84 -6.14
N GLU D 77 -36.79 14.95 -5.38
CA GLU D 77 -37.37 15.26 -4.11
C GLU D 77 -36.27 15.39 -3.07
N GLY D 78 -36.40 16.38 -2.18
CA GLY D 78 -35.48 16.52 -1.09
C GLY D 78 -35.43 17.92 -0.56
N ALA D 79 -34.25 18.38 -0.20
CA ALA D 79 -34.11 19.73 0.42
C ALA D 79 -32.65 20.14 0.45
N GLY D 80 -32.40 21.46 0.59
CA GLY D 80 -31.09 22.00 0.80
C GLY D 80 -31.08 22.51 2.23
N LEU D 81 -30.09 22.10 3.00
CA LEU D 81 -29.96 22.48 4.39
C LEU D 81 -28.60 23.00 4.71
N VAL D 82 -28.54 23.89 5.74
CA VAL D 82 -27.28 24.43 6.20
C VAL D 82 -26.67 23.57 7.29
N LEU D 83 -25.48 23.04 7.03
CA LEU D 83 -24.78 22.12 7.91
C LEU D 83 -23.33 22.55 7.94
N ASP D 84 -22.80 22.65 9.17
CA ASP D 84 -21.36 22.81 9.45
C ASP D 84 -20.87 21.56 10.15
N VAL D 85 -20.13 20.73 9.40
CA VAL D 85 -19.72 19.47 9.95
C VAL D 85 -18.70 19.64 11.08
N SER D 86 -18.18 20.84 11.29
CA SER D 86 -17.24 21.09 12.40
C SER D 86 -17.96 21.22 13.76
N SER D 87 -19.29 21.30 13.73
CA SER D 87 -20.09 21.63 14.92
C SER D 87 -20.99 20.51 15.40
N ASP D 88 -20.81 20.05 16.61
CA ASP D 88 -21.71 19.03 17.16
C ASP D 88 -23.17 19.45 17.13
N GLU D 89 -23.43 20.72 17.47
CA GLU D 89 -24.77 21.27 17.47
C GLU D 89 -25.37 21.31 16.09
N SER D 90 -24.57 21.71 15.11
CA SER D 90 -25.06 21.77 13.71
C SER D 90 -25.41 20.35 13.18
N VAL D 91 -24.55 19.39 13.48
CA VAL D 91 -24.80 18.03 13.07
C VAL D 91 -26.06 17.47 13.74
N ALA D 92 -26.20 17.64 15.06
CA ALA D 92 -27.36 17.12 15.74
C ALA D 92 -28.65 17.78 15.21
N ALA D 93 -28.59 19.11 15.04
CA ALA D 93 -29.76 19.85 14.56
C ALA D 93 -30.16 19.42 13.15
N THR D 94 -29.16 19.19 12.30
CA THR D 94 -29.44 18.82 10.95
C THR D 94 -30.05 17.44 10.88
N LEU D 95 -29.54 16.51 11.68
CA LEU D 95 -30.09 15.18 11.65
CA LEU D 95 -30.07 15.16 11.72
C LEU D 95 -31.51 15.14 12.26
N GLU D 96 -31.75 15.91 13.31
CA GLU D 96 -33.11 16.04 13.84
C GLU D 96 -34.11 16.55 12.80
N HIS D 97 -33.74 17.58 12.05
CA HIS D 97 -34.60 18.20 11.04
C HIS D 97 -34.95 17.18 10.01
N ILE D 98 -33.94 16.44 9.57
CA ILE D 98 -34.20 15.43 8.58
C ILE D 98 -35.13 14.33 9.10
N GLN D 99 -34.87 13.86 10.30
CA GLN D 99 -35.60 12.77 10.90
C GLN D 99 -37.07 13.17 11.04
N GLN D 100 -37.33 14.42 11.38
CA GLN D 100 -38.71 14.88 11.57
C GLN D 100 -39.46 15.06 10.26
N HIS D 101 -38.80 15.58 9.23
CA HIS D 101 -39.51 15.93 7.99
C HIS D 101 -39.43 14.93 6.88
N LEU D 102 -38.37 14.12 6.85
CA LEU D 102 -38.08 13.30 5.66
C LEU D 102 -37.85 11.86 6.00
N GLY D 103 -37.24 11.55 7.14
CA GLY D 103 -36.94 10.16 7.53
C GLY D 103 -35.45 10.04 7.90
N GLN D 104 -35.00 8.86 8.28
CA GLN D 104 -33.60 8.64 8.69
C GLN D 104 -32.66 8.54 7.47
N PRO D 105 -31.57 9.33 7.36
CA PRO D 105 -30.69 9.17 6.18
C PRO D 105 -29.89 7.86 6.30
N LEU D 106 -30.11 6.96 5.36
CA LEU D 106 -29.40 5.70 5.36
C LEU D 106 -28.24 5.68 4.36
N ILE D 107 -28.14 6.66 3.49
CA ILE D 107 -27.03 6.91 2.58
C ILE D 107 -26.44 8.24 2.98
N VAL D 108 -25.15 8.28 3.32
CA VAL D 108 -24.54 9.57 3.70
C VAL D 108 -23.27 9.67 2.90
N VAL D 109 -23.14 10.74 2.11
CA VAL D 109 -22.00 11.03 1.30
C VAL D 109 -21.32 12.25 1.81
N ASN D 110 -20.05 12.08 2.23
CA ASN D 110 -19.30 13.17 2.85
C ASN D 110 -18.44 13.83 1.77
N ASN D 111 -18.80 15.04 1.39
CA ASN D 111 -18.01 15.81 0.46
C ASN D 111 -17.70 17.27 1.00
N ALA D 112 -17.95 17.55 2.27
N ALA D 112 -18.14 17.54 2.21
CA ALA D 112 -17.75 18.92 2.83
CA ALA D 112 -17.74 18.74 2.96
C ALA D 112 -16.41 19.29 3.54
C ALA D 112 -16.24 18.53 3.20
N GLY D 113 -15.38 19.43 2.74
CA GLY D 113 -14.06 19.52 3.33
C GLY D 113 -13.73 20.98 3.38
N ILE D 114 -12.83 21.37 4.27
CA ILE D 114 -12.61 22.82 4.49
C ILE D 114 -11.97 23.63 3.32
N VAL D 121 0.24 33.94 -1.11
CA VAL D 121 -0.84 33.13 -0.58
C VAL D 121 -0.80 31.69 -1.15
N ARG D 122 0.22 31.34 -1.96
CA ARG D 122 0.21 30.05 -2.73
C ARG D 122 0.28 28.82 -1.81
N MET D 123 -0.38 27.72 -2.22
CA MET D 123 -0.47 26.54 -1.37
C MET D 123 0.91 26.04 -1.05
N LYS D 124 1.13 25.73 0.23
CA LYS D 124 2.45 25.27 0.66
CA LYS D 124 2.45 25.26 0.63
C LYS D 124 2.36 23.84 1.22
N ASP D 125 3.51 23.18 1.25
CA ASP D 125 3.60 21.77 1.66
C ASP D 125 3.63 21.62 3.18
N ASP D 126 3.37 22.68 3.96
CA ASP D 126 3.09 22.55 5.38
C ASP D 126 1.65 22.59 5.74
N GLU D 127 0.73 22.64 4.80
CA GLU D 127 -0.69 22.77 5.16
C GLU D 127 -1.46 21.49 5.31
N TRP D 128 -0.84 20.40 4.94
CA TRP D 128 -1.47 19.12 4.98
C TRP D 128 -2.06 18.71 6.33
N PHE D 129 -1.34 18.90 7.41
CA PHE D 129 -1.78 18.34 8.65
C PHE D 129 -3.09 18.98 9.14
N ASP D 130 -3.16 20.31 9.16
CA ASP D 130 -4.36 20.86 9.71
CA ASP D 130 -4.34 21.05 9.59
C ASP D 130 -5.54 20.62 8.81
N VAL D 131 -5.36 20.58 7.50
CA VAL D 131 -6.47 20.26 6.62
C VAL D 131 -6.99 18.82 6.76
N VAL D 132 -6.08 17.82 6.77
CA VAL D 132 -6.49 16.48 6.91
C VAL D 132 -7.05 16.20 8.29
N ASN D 133 -6.33 16.69 9.33
CA ASN D 133 -6.77 16.50 10.66
C ASN D 133 -8.18 17.07 10.86
N THR D 134 -8.38 18.28 10.42
CA THR D 134 -9.71 18.87 10.60
C THR D 134 -10.81 18.06 9.89
N ASN D 135 -10.53 17.72 8.65
CA ASN D 135 -11.47 16.98 7.85
C ASN D 135 -11.83 15.60 8.37
N LEU D 136 -10.86 14.85 8.92
CA LEU D 136 -11.15 13.57 9.48
C LEU D 136 -11.90 13.68 10.81
N ASN D 137 -11.62 14.72 11.62
CA ASN D 137 -12.33 14.95 12.89
C ASN D 137 -13.78 15.32 12.61
N SER D 138 -14.02 16.07 11.55
CA SER D 138 -15.40 16.39 11.17
C SER D 138 -16.08 15.21 10.52
N LEU D 139 -15.34 14.40 9.80
CA LEU D 139 -15.88 13.18 9.28
C LEU D 139 -16.32 12.16 10.34
N TYR D 140 -15.51 12.04 11.42
CA TYR D 140 -15.83 11.23 12.52
C TYR D 140 -17.13 11.72 13.17
N ARG D 141 -17.21 13.03 13.31
CA ARG D 141 -18.43 13.59 13.99
C ARG D 141 -19.69 13.24 13.25
N LEU D 142 -19.69 13.50 11.95
CA LEU D 142 -20.87 13.24 11.13
C LEU D 142 -21.21 11.77 11.09
N SER D 143 -20.19 10.95 10.85
CA SER D 143 -20.42 9.55 10.75
C SER D 143 -20.98 8.96 12.03
N LYS D 144 -20.43 9.34 13.16
CA LYS D 144 -20.93 8.81 14.42
C LYS D 144 -22.41 9.20 14.58
N ALA D 145 -22.75 10.40 14.18
CA ALA D 145 -24.11 10.84 14.34
C ALA D 145 -25.10 10.04 13.49
N VAL D 146 -24.75 9.72 12.23
CA VAL D 146 -25.67 9.05 11.34
C VAL D 146 -25.72 7.58 11.54
N LEU D 147 -24.75 7.04 12.27
CA LEU D 147 -24.70 5.63 12.52
C LEU D 147 -25.82 5.09 13.40
N ARG D 148 -26.37 5.92 14.30
CA ARG D 148 -27.45 5.45 15.13
C ARG D 148 -28.65 5.00 14.31
N GLY D 149 -29.07 5.82 13.35
CA GLY D 149 -30.15 5.48 12.48
C GLY D 149 -29.89 4.27 11.62
N MET D 150 -28.67 4.20 11.09
CA MET D 150 -28.33 3.05 10.26
C MET D 150 -28.26 1.78 11.09
N THR D 151 -27.78 1.90 12.31
CA THR D 151 -27.72 0.73 13.21
C THR D 151 -29.15 0.22 13.48
N LYS D 152 -30.09 1.15 13.69
CA LYS D 152 -31.48 0.76 13.92
C LYS D 152 -32.03 0.03 12.72
N ALA D 153 -31.74 0.55 11.53
CA ALA D 153 -32.25 0.01 10.30
C ALA D 153 -31.52 -1.26 9.91
N ARG D 154 -30.36 -1.51 10.55
CA ARG D 154 -29.44 -2.57 10.16
C ARG D 154 -29.11 -2.51 8.65
N TRP D 155 -28.86 -1.31 8.16
CA TRP D 155 -28.47 -1.10 6.77
C TRP D 155 -27.91 0.30 6.64
N GLY D 156 -26.88 0.49 5.84
CA GLY D 156 -26.42 1.84 5.55
C GLY D 156 -25.34 1.86 4.52
N ARG D 157 -25.11 3.04 4.01
CA ARG D 157 -23.99 3.38 3.09
C ARG D 157 -23.38 4.68 3.52
N ILE D 158 -22.08 4.66 3.85
CA ILE D 158 -21.31 5.88 4.09
C ILE D 158 -20.26 5.92 3.01
N ILE D 159 -20.20 7.01 2.29
CA ILE D 159 -19.32 7.15 1.12
C ILE D 159 -18.58 8.47 1.30
N ASN D 160 -17.24 8.35 1.46
CA ASN D 160 -16.38 9.50 1.72
C ASN D 160 -15.73 9.93 0.43
N ILE D 161 -15.82 11.22 0.08
CA ILE D 161 -15.26 11.67 -1.10
C ILE D 161 -13.91 12.36 -0.79
N GLY D 162 -12.87 11.96 -1.50
CA GLY D 162 -11.58 12.56 -1.34
C GLY D 162 -11.45 13.93 -2.03
N SER D 163 -10.41 14.65 -1.63
CA SER D 163 -10.13 15.91 -2.24
C SER D 163 -9.41 15.81 -3.55
N VAL D 164 -9.80 16.61 -4.52
CA VAL D 164 -9.16 16.61 -5.82
C VAL D 164 -7.75 17.28 -5.71
N VAL D 165 -6.88 17.04 -6.69
CA VAL D 165 -5.61 17.72 -6.67
C VAL D 165 -5.90 19.21 -6.72
N GLY D 166 -5.34 19.97 -5.76
CA GLY D 166 -5.73 21.38 -5.50
C GLY D 166 -4.74 22.40 -6.03
N ALA D 167 -3.57 21.91 -6.42
CA ALA D 167 -2.55 22.76 -7.02
C ALA D 167 -1.56 21.91 -7.79
N MET D 168 -0.95 22.52 -8.80
CA MET D 168 0.14 21.91 -9.56
C MET D 168 1.41 21.99 -8.68
N GLY D 169 2.36 21.08 -8.89
CA GLY D 169 3.63 21.15 -8.17
C GLY D 169 3.65 20.37 -6.84
N ASN D 170 4.77 20.50 -6.14
CA ASN D 170 5.00 19.68 -4.95
C ASN D 170 4.03 19.82 -3.78
N ALA D 171 3.64 21.05 -3.43
CA ALA D 171 2.77 21.23 -2.30
C ALA D 171 1.46 20.58 -2.64
N GLY D 172 1.04 20.73 -3.89
CA GLY D 172 -0.19 20.16 -4.29
C GLY D 172 -0.19 18.64 -4.16
N GLN D 173 0.90 18.02 -4.58
CA GLN D 173 1.04 16.61 -4.45
C GLN D 173 1.11 16.18 -2.98
N THR D 174 1.93 16.87 -2.21
CA THR D 174 2.03 16.55 -0.75
C THR D 174 0.65 16.54 -0.11
N ASN D 175 -0.11 17.61 -0.32
CA ASN D 175 -1.34 17.77 0.36
C ASN D 175 -2.39 16.75 -0.16
N TYR D 176 -2.38 16.49 -1.47
CA TYR D 176 -3.32 15.52 -2.06
C TYR D 176 -3.07 14.08 -1.57
N ALA D 177 -1.79 13.71 -1.46
CA ALA D 177 -1.43 12.37 -1.04
C ALA D 177 -1.73 12.18 0.44
N ALA D 178 -1.50 13.25 1.23
CA ALA D 178 -1.73 13.14 2.67
C ALA D 178 -3.23 12.94 2.93
N ALA D 179 -4.04 13.70 2.22
CA ALA D 179 -5.49 13.65 2.39
C ALA D 179 -5.99 12.25 1.94
N LYS D 180 -5.47 11.76 0.82
CA LYS D 180 -5.86 10.46 0.30
C LYS D 180 -5.49 9.33 1.26
N ALA D 181 -4.29 9.42 1.86
CA ALA D 181 -3.87 8.44 2.86
C ALA D 181 -4.72 8.43 4.10
N GLY D 182 -5.01 9.62 4.63
CA GLY D 182 -5.88 9.75 5.76
C GLY D 182 -7.23 9.14 5.53
N LEU D 183 -7.76 9.51 4.39
CA LEU D 183 -9.11 9.08 3.96
CA LEU D 183 -9.12 9.10 4.06
C LEU D 183 -9.15 7.59 3.84
N GLU D 184 -8.13 7.00 3.23
CA GLU D 184 -8.11 5.53 3.12
CA GLU D 184 -8.07 5.54 3.11
C GLU D 184 -8.08 4.81 4.45
N GLY D 185 -7.23 5.24 5.37
CA GLY D 185 -7.10 4.59 6.66
C GLY D 185 -8.37 4.73 7.51
N PHE D 186 -8.92 5.94 7.56
CA PHE D 186 -10.14 6.27 8.28
C PHE D 186 -11.29 5.41 7.77
N THR D 187 -11.43 5.33 6.47
CA THR D 187 -12.52 4.56 5.79
C THR D 187 -12.43 3.08 6.17
N ARG D 188 -11.19 2.53 6.13
CA ARG D 188 -11.00 1.12 6.37
C ARG D 188 -11.35 0.83 7.83
N ALA D 189 -10.92 1.73 8.70
CA ALA D 189 -11.16 1.52 10.21
C ALA D 189 -12.67 1.58 10.51
N LEU D 190 -13.33 2.59 9.99
CA LEU D 190 -14.75 2.76 10.25
C LEU D 190 -15.49 1.52 9.66
N ALA D 191 -15.12 1.11 8.46
CA ALA D 191 -15.81 -0.04 7.86
C ALA D 191 -15.73 -1.25 8.73
N ARG D 192 -14.59 -1.46 9.34
CA ARG D 192 -14.42 -2.62 10.19
CA ARG D 192 -14.40 -2.64 10.18
C ARG D 192 -15.24 -2.54 11.42
N GLU D 193 -15.39 -1.32 11.94
CA GLU D 193 -16.21 -1.07 13.13
CA GLU D 193 -16.21 -1.08 13.15
C GLU D 193 -17.67 -1.36 12.95
N VAL D 194 -18.24 -1.03 11.82
CA VAL D 194 -19.68 -1.05 11.62
C VAL D 194 -20.21 -2.14 10.67
N GLY D 195 -19.31 -2.94 10.12
CA GLY D 195 -19.70 -3.96 9.16
C GLY D 195 -20.73 -4.97 9.71
N SER D 196 -20.65 -5.26 11.01
CA SER D 196 -21.53 -6.29 11.55
C SER D 196 -22.98 -5.82 11.50
N ARG D 197 -23.18 -4.51 11.28
CA ARG D 197 -24.54 -3.92 11.16
C ARG D 197 -25.06 -3.77 9.75
N ALA D 198 -24.31 -4.32 8.80
CA ALA D 198 -24.67 -4.28 7.37
C ALA D 198 -24.63 -2.83 6.86
N ILE D 199 -23.65 -2.06 7.39
CA ILE D 199 -23.38 -0.72 6.95
C ILE D 199 -22.03 -0.79 6.23
N THR D 200 -22.01 -0.38 4.97
CA THR D 200 -20.71 -0.30 4.25
C THR D 200 -20.20 1.12 4.27
N VAL D 201 -18.84 1.23 4.29
CA VAL D 201 -18.11 2.51 4.37
C VAL D 201 -16.99 2.41 3.35
N ASN D 202 -17.10 3.28 2.37
CA ASN D 202 -16.17 3.33 1.28
C ASN D 202 -15.75 4.74 0.94
N ALA D 203 -14.67 4.89 0.19
CA ALA D 203 -14.17 6.22 -0.23
C ALA D 203 -14.00 6.22 -1.73
N VAL D 204 -14.20 7.37 -2.34
CA VAL D 204 -13.90 7.62 -3.73
C VAL D 204 -12.85 8.66 -3.85
N ALA D 205 -11.71 8.34 -4.43
CA ALA D 205 -10.54 9.22 -4.48
C ALA D 205 -10.41 9.78 -5.86
N PRO D 206 -10.85 10.99 -6.08
CA PRO D 206 -10.66 11.66 -7.39
C PRO D 206 -9.22 12.03 -7.67
N GLY D 207 -8.93 12.12 -8.96
CA GLY D 207 -7.71 12.64 -9.43
C GLY D 207 -7.85 14.11 -9.75
N PHE D 208 -7.53 14.41 -10.98
CA PHE D 208 -7.79 15.73 -11.54
C PHE D 208 -9.14 15.71 -12.22
N ILE D 209 -9.98 16.59 -11.74
CA ILE D 209 -11.36 16.68 -12.17
C ILE D 209 -11.54 18.07 -12.65
N ASP D 210 -12.40 18.20 -13.65
CA ASP D 210 -12.71 19.49 -14.25
C ASP D 210 -13.53 20.23 -13.19
N THR D 211 -12.90 21.28 -12.66
CA THR D 211 -13.45 22.12 -11.59
C THR D 211 -12.86 23.52 -11.79
N ASP D 212 -13.09 24.39 -10.81
CA ASP D 212 -12.73 25.80 -10.92
C ASP D 212 -11.22 26.05 -11.04
N MET D 213 -10.41 25.31 -10.26
CA MET D 213 -8.96 25.46 -10.33
C MET D 213 -8.53 25.13 -11.75
N THR D 214 -9.02 23.99 -12.28
CA THR D 214 -8.42 23.45 -13.48
C THR D 214 -8.93 24.24 -14.66
N ARG D 215 -10.14 24.77 -14.52
CA ARG D 215 -10.76 25.60 -15.56
C ARG D 215 -9.97 26.88 -15.81
N GLU D 216 -9.16 27.31 -14.83
CA GLU D 216 -8.41 28.57 -14.97
C GLU D 216 -6.89 28.39 -15.20
N LEU D 217 -6.44 27.17 -15.49
CA LEU D 217 -5.02 26.89 -15.76
C LEU D 217 -4.55 27.49 -17.10
N PRO D 218 -3.26 27.89 -17.20
CA PRO D 218 -2.66 28.17 -18.53
C PRO D 218 -2.52 26.93 -19.41
N GLU D 219 -2.66 27.12 -20.72
CA GLU D 219 -2.54 26.02 -21.70
C GLU D 219 -1.33 25.09 -21.53
N ALA D 220 -0.15 25.69 -21.34
CA ALA D 220 1.08 24.91 -21.16
C ALA D 220 1.00 24.00 -19.93
N GLN D 221 0.39 24.51 -18.87
CA GLN D 221 0.20 23.79 -17.62
C GLN D 221 -0.86 22.67 -17.80
N ARG D 222 -1.98 23.00 -18.45
CA ARG D 222 -3.00 22.02 -18.82
C ARG D 222 -2.41 20.89 -19.67
N GLU D 223 -1.60 21.25 -20.65
CA GLU D 223 -1.00 20.26 -21.53
C GLU D 223 -0.05 19.33 -20.78
N ALA D 224 0.75 19.91 -19.90
CA ALA D 224 1.66 19.11 -19.06
C ALA D 224 0.88 18.18 -18.15
N LEU D 225 -0.21 18.71 -17.59
CA LEU D 225 -1.02 17.94 -16.69
C LEU D 225 -1.66 16.75 -17.40
N LEU D 226 -2.23 17.02 -18.56
CA LEU D 226 -2.87 15.96 -19.32
C LEU D 226 -1.88 14.89 -19.73
N GLY D 227 -0.61 15.27 -19.94
CA GLY D 227 0.42 14.26 -20.20
C GLY D 227 0.75 13.31 -19.06
N GLN D 228 0.36 13.63 -17.84
CA GLN D 228 0.57 12.75 -16.72
CA GLN D 228 0.55 12.82 -16.62
C GLN D 228 -0.64 11.82 -16.50
N ILE D 229 -1.66 12.00 -17.33
CA ILE D 229 -2.88 11.23 -17.16
C ILE D 229 -3.00 10.25 -18.32
N PRO D 230 -2.95 8.93 -18.07
CA PRO D 230 -3.08 7.99 -19.19
C PRO D 230 -4.29 8.19 -20.07
N LEU D 231 -5.46 8.47 -19.52
CA LEU D 231 -6.64 8.70 -20.35
C LEU D 231 -6.57 10.04 -21.16
N GLY D 232 -5.68 10.93 -20.77
CA GLY D 232 -5.40 12.15 -21.59
C GLY D 232 -6.40 13.25 -21.43
N ARG D 233 -7.19 13.18 -20.37
CA ARG D 233 -8.24 14.09 -20.11
C ARG D 233 -8.52 14.24 -18.65
N LEU D 234 -9.11 15.35 -18.26
CA LEU D 234 -9.61 15.53 -16.87
C LEU D 234 -10.86 14.74 -16.68
N GLY D 235 -11.15 14.32 -15.39
CA GLY D 235 -12.38 13.68 -15.11
C GLY D 235 -13.52 14.66 -15.03
N GLN D 236 -14.72 14.21 -15.28
CA GLN D 236 -15.93 15.01 -15.00
C GLN D 236 -16.50 14.72 -13.61
N ALA D 237 -17.15 15.72 -12.99
CA ALA D 237 -17.85 15.51 -11.75
C ALA D 237 -18.78 14.34 -11.83
N GLU D 238 -19.44 14.15 -13.00
CA GLU D 238 -20.47 13.12 -13.13
C GLU D 238 -19.81 11.72 -13.11
N GLU D 239 -18.52 11.69 -13.43
CA GLU D 239 -17.78 10.41 -13.39
C GLU D 239 -17.48 10.03 -11.99
N ILE D 240 -17.33 10.97 -11.09
CA ILE D 240 -17.27 10.63 -9.72
C ILE D 240 -18.60 10.19 -9.19
N ALA D 241 -19.65 10.93 -9.57
CA ALA D 241 -21.03 10.67 -9.08
C ALA D 241 -21.52 9.29 -9.48
N LYS D 242 -21.16 8.81 -10.66
CA LYS D 242 -21.56 7.47 -11.04
C LYS D 242 -20.98 6.39 -10.16
N VAL D 243 -19.72 6.55 -9.76
CA VAL D 243 -19.10 5.58 -8.84
C VAL D 243 -19.79 5.59 -7.48
N VAL D 244 -20.09 6.82 -7.02
CA VAL D 244 -20.85 6.91 -5.78
C VAL D 244 -22.21 6.23 -5.84
N GLY D 245 -22.89 6.45 -6.93
CA GLY D 245 -24.20 5.87 -7.14
C GLY D 245 -24.19 4.32 -7.10
N PHE D 246 -23.13 3.78 -7.68
CA PHE D 246 -22.91 2.36 -7.61
C PHE D 246 -22.65 1.86 -6.19
N LEU D 247 -21.77 2.56 -5.49
CA LEU D 247 -21.44 2.18 -4.14
C LEU D 247 -22.66 2.23 -3.24
N ALA D 248 -23.60 3.16 -3.48
CA ALA D 248 -24.83 3.27 -2.67
C ALA D 248 -25.85 2.13 -2.88
N SER D 249 -25.67 1.40 -4.02
CA SER D 249 -26.62 0.43 -4.46
C SER D 249 -26.52 -0.87 -3.65
N ASP D 250 -27.58 -1.66 -3.74
CA ASP D 250 -27.56 -2.98 -3.16
CA ASP D 250 -27.61 -3.00 -3.16
C ASP D 250 -26.50 -3.90 -3.74
N GLY D 251 -26.18 -3.70 -5.01
CA GLY D 251 -25.15 -4.50 -5.70
C GLY D 251 -23.78 -4.38 -5.14
N ALA D 252 -23.52 -3.25 -4.48
CA ALA D 252 -22.19 -3.01 -3.84
C ALA D 252 -22.18 -3.40 -2.37
N ALA D 253 -23.08 -4.28 -1.91
CA ALA D 253 -23.21 -4.63 -0.48
C ALA D 253 -21.98 -5.32 0.08
N TYR D 254 -21.18 -6.01 -0.75
CA TYR D 254 -19.99 -6.68 -0.25
C TYR D 254 -18.74 -5.89 -0.40
N VAL D 255 -18.86 -4.65 -0.88
CA VAL D 255 -17.70 -3.70 -0.99
C VAL D 255 -17.71 -2.87 0.30
N THR D 256 -16.70 -3.03 1.13
CA THR D 256 -16.61 -2.13 2.30
C THR D 256 -15.13 -1.98 2.67
N GLY D 257 -14.80 -0.78 3.13
CA GLY D 257 -13.47 -0.43 3.49
C GLY D 257 -12.58 -0.09 2.33
N ALA D 258 -13.19 0.03 1.19
CA ALA D 258 -12.46 0.29 -0.08
C ALA D 258 -12.26 1.75 -0.36
N THR D 259 -11.17 2.08 -1.04
CA THR D 259 -11.03 3.42 -1.64
C THR D 259 -10.95 3.18 -3.16
N VAL D 260 -11.98 3.64 -3.88
CA VAL D 260 -12.02 3.48 -5.36
C VAL D 260 -11.35 4.70 -5.93
N PRO D 261 -10.21 4.51 -6.61
CA PRO D 261 -9.60 5.66 -7.28
C PRO D 261 -10.28 6.01 -8.63
N VAL D 262 -10.54 7.28 -8.87
CA VAL D 262 -11.20 7.73 -10.09
C VAL D 262 -10.35 8.86 -10.65
N ASN D 263 -9.28 8.47 -11.36
CA ASN D 263 -8.22 9.35 -11.66
C ASN D 263 -7.65 9.23 -13.04
N GLY D 264 -8.29 8.44 -13.92
CA GLY D 264 -7.83 8.28 -15.27
C GLY D 264 -6.48 7.64 -15.43
N GLY D 265 -5.98 6.92 -14.42
CA GLY D 265 -4.69 6.28 -14.38
C GLY D 265 -3.55 7.07 -13.77
N MET D 266 -3.88 8.26 -13.28
CA MET D 266 -2.87 9.15 -12.65
CA MET D 266 -2.92 9.16 -12.64
C MET D 266 -2.90 8.78 -11.17
N TYR D 267 -1.87 8.07 -10.74
CA TYR D 267 -1.72 7.61 -9.34
C TYR D 267 -0.56 8.37 -8.69
N MET D 268 -0.90 9.18 -7.70
CA MET D 268 0.14 9.91 -6.89
C MET D 268 -0.07 9.53 -5.44
N SER D 269 1.00 9.15 -4.70
CA SER D 269 0.94 8.91 -3.24
C SER D 269 2.19 9.50 -2.61
C1 PEG E . -19.66 4.04 -24.93
O1 PEG E . -20.35 2.92 -24.44
C2 PEG E . -19.76 4.05 -26.43
O2 PEG E . -18.95 3.01 -26.91
C3 PEG E . -18.07 3.39 -27.95
C4 PEG E . -17.62 2.18 -28.77
O4 PEG E . -18.75 1.35 -29.05
O1 PG4 F . 28.41 -17.93 9.62
C1 PG4 F . 27.79 -19.14 9.17
C2 PG4 F . 26.40 -19.35 9.79
O2 PG4 F . 26.13 -18.23 10.61
C3 PG4 F . 24.75 -18.11 10.91
C4 PG4 F . 24.55 -17.21 12.12
O3 PG4 F . 25.19 -15.97 11.84
C5 PG4 F . 24.99 -15.01 12.87
C6 PG4 F . 25.59 -13.69 12.45
O4 PG4 F . 26.98 -13.66 12.16
C7 PG4 F . 27.55 -12.33 11.94
C8 PG4 F . 29.08 -12.40 11.75
O5 PG4 F . 29.39 -13.24 10.64
C1 PEG G . 26.26 14.14 10.28
O1 PEG G . 26.48 13.00 11.13
C2 PEG G . 25.89 15.22 11.28
O2 PEG G . 25.77 16.61 10.96
C3 PEG G . 25.33 17.40 12.11
C4 PEG G . 26.35 17.53 13.26
O4 PEG G . 25.79 18.16 14.43
C1 PGE H . -31.86 -2.71 0.52
O1 PGE H . -32.10 -1.68 -0.40
C2 PGE H . -32.92 -2.80 1.59
O2 PGE H . -32.56 -1.90 2.62
C3 PGE H . -32.93 -2.29 3.95
C4 PGE H . -33.42 -1.03 4.67
O4 PGE H . -36.74 1.58 3.00
C6 PGE H . -35.35 1.77 3.27
C5 PGE H . -34.84 0.83 4.36
O3 PGE H . -34.19 -0.28 3.74
#